data_8U26
#
_entry.id   8U26
#
_cell.length_a   1.00
_cell.length_b   1.00
_cell.length_c   1.00
_cell.angle_alpha   90.00
_cell.angle_beta   90.00
_cell.angle_gamma   90.00
#
_symmetry.space_group_name_H-M   'P 1'
#
loop_
_entity.id
_entity.type
_entity.pdbx_description
1 polymer 'Guanine nucleotide-binding protein G(s) subunit alpha isoforms short'
2 polymer 'Guanine nucleotide-binding protein G(I)/G(S)/G(T) subunit beta-1'
3 polymer 'Guanine nucleotide-binding protein G(I)/G(S)/G(O) subunit gamma-2'
4 polymer 'Nanobody 35'
5 polymer 'Substance-P receptor'
6 polymer Protachykinin-1
#
loop_
_entity_poly.entity_id
_entity_poly.type
_entity_poly.pdbx_seq_one_letter_code
_entity_poly.pdbx_strand_id
1 'polypeptide(L)'
;NSKTEDQRNEEKAQREANKKIEKQLQKDKQVYRATHRLLLLGADNSGKSTIVKQMRILHGGSGGSGGTSGIFETKFQVDK
VNFHMFDVGGQRDERRKWIQCFNDVTAIIFVVDSSDYNRLQEALNLFKSIWNNRWLRTISVILFLNKQDLLAEKVLAGKS
KIEDYFPEFARYTTPEDATPEPGEDPRVTRAKYFIRDEFLRISTASGDGRHYCYPHFTCAVDTENARRIFNDCRDIIQRM
HLRQYELL
;
A
2 'polypeptide(L)'
;MHHHHHHLEVLFQGPEDQVDPRLIDGKGSSGSELDQLRQEAEQLKNQIRDARKACADATLSQITNNIDPVGRIQMRTRRT
LRGHLAKIYAMHWGTDSRLLVSASQDGKLIIWDSYTTNKVHAIPLRSSWVMTCAYAPSGNYVACGGLDNICSIYNLKTRE
GNVRVSRELAGHTGYLSCCRFLDDNQIVTSSGDTTCALWDIETGQQTTTFTGHTGDVMSLSLAPDTRLFVSGACDASAKL
WDVREGMCRQTFTGHESDINAICFFPNGNAFATGSDDATCRLFDLRADQELMTYSHDNIICGITSVSFSKSGRLLLAGYD
DFNCNVWDALKADRAGVLAGHDNRVSCLGVTDDGMAVATGSWDSFLKIWN
;
B
3 'polypeptide(L)' MASNNTASIAQARKLVEQLKMEANIDRIKVSKAAADLMAYCEAHAKEDPLLTPVPASENPFREKKFFC G
4 'polypeptide(L)'
;QVQLQESGGGLVQPGGSLRLSCAASGFTFSNYKMNWVRQAPGKGLEWVSDISQSGASISYTGSVKGRFTISRDNAKNTLY
LQMNSLKPEDTAVYYCARCPAPFTRDCFDVTSTTYAYRGQGTQVTVSSGSEDQVDPRLIDGK
;
N
5 'polypeptide(L)'
;DYKDDDDASIDMDNVLPVDSDLSPNISTNTSEPNQFVQPAWQIVLWAAAYTVIVVTSVVGNVVVMWIILAHKRMRTVTNY
FLVNLAFAEASMAAFNTVVNFTYAVHNEWYYGLFYCKFHNFFPIAAVFASIYSMTAVAFDRYMAIIHPLQPRLSATATKV
VICVIWVLALLLAFPQGYYSTTETMPSRVVCMIEWPEHPNKIYEKVYHICVTVLIYFLPLLVIGYAYTVVGITLWASEIP
GDSSDRYHEQVSAKRKVVKMMIVVVCTFAICWLPFHIFFLLPYINPDLYLKKFIQQVYLAIMWLAMSSTMYNPIIYCCLN
DRFRLGFKHAFRCCPFISAGDYEGLEMKSTRYLQTQGSVYKVSRLETTISTVVGAHEEEPEDGPKATPSSLDLTSNCSSR
SDSKTMTESFSFSSNVLS
;
R
6 'polypeptide(L)' RPKPQQFFGLM S
#
# COMPACT_ATOMS: atom_id res chain seq x y z
N ASN A 9 7.76 1.76 -40.25
CA ASN A 9 9.10 1.14 -40.39
C ASN A 9 9.80 1.06 -39.03
N GLU A 10 10.19 2.23 -38.49
CA GLU A 10 10.85 2.26 -37.20
C GLU A 10 9.92 1.75 -36.09
N GLU A 11 8.61 1.80 -36.32
CA GLU A 11 7.68 1.29 -35.33
C GLU A 11 7.87 -0.20 -35.08
N LYS A 12 8.24 -0.97 -36.11
CA LYS A 12 8.53 -2.38 -35.90
C LYS A 12 9.69 -2.58 -34.93
N ALA A 13 10.77 -1.83 -35.12
CA ALA A 13 11.90 -1.92 -34.21
C ALA A 13 11.50 -1.48 -32.81
N GLN A 14 10.68 -0.43 -32.70
CA GLN A 14 10.25 0.05 -31.39
C GLN A 14 9.44 -1.02 -30.66
N ARG A 15 8.50 -1.67 -31.36
CA ARG A 15 7.70 -2.70 -30.72
C ARG A 15 8.57 -3.91 -30.35
N GLU A 16 9.53 -4.26 -31.21
CA GLU A 16 10.43 -5.37 -30.87
C GLU A 16 11.23 -5.06 -29.61
N ALA A 17 11.75 -3.83 -29.50
CA ALA A 17 12.49 -3.44 -28.31
C ALA A 17 11.60 -3.47 -27.07
N ASN A 18 10.37 -2.99 -27.21
CA ASN A 18 9.44 -3.02 -26.08
C ASN A 18 9.21 -4.45 -25.61
N LYS A 19 9.01 -5.37 -26.56
CA LYS A 19 8.83 -6.78 -26.20
C LYS A 19 10.07 -7.34 -25.52
N LYS A 20 11.26 -6.99 -26.03
CA LYS A 20 12.48 -7.47 -25.40
C LYS A 20 12.58 -6.98 -23.96
N ILE A 21 12.25 -5.72 -23.71
CA ILE A 21 12.31 -5.18 -22.36
C ILE A 21 11.29 -5.88 -21.46
N GLU A 22 10.08 -6.10 -21.98
CA GLU A 22 9.05 -6.75 -21.18
C GLU A 22 9.42 -8.18 -20.82
N LYS A 23 10.11 -8.89 -21.73
CA LYS A 23 10.53 -10.24 -21.42
C LYS A 23 11.47 -10.28 -20.22
N GLN A 24 12.34 -9.28 -20.07
CA GLN A 24 13.22 -9.23 -18.91
C GLN A 24 12.49 -8.77 -17.66
N LEU A 25 11.56 -7.82 -17.80
CA LEU A 25 10.78 -7.38 -16.66
C LEU A 25 10.00 -8.53 -16.05
N GLN A 26 9.39 -9.38 -16.88
CA GLN A 26 8.66 -10.53 -16.37
C GLN A 26 9.56 -11.47 -15.59
N LYS A 27 10.78 -11.72 -16.10
CA LYS A 27 11.70 -12.58 -15.38
C LYS A 27 12.12 -11.98 -14.05
N ASP A 28 12.32 -10.66 -14.02
CA ASP A 28 12.76 -10.03 -12.78
C ASP A 28 11.65 -10.02 -11.73
N LYS A 29 10.39 -9.95 -12.16
CA LYS A 29 9.30 -9.97 -11.20
C LYS A 29 9.34 -11.23 -10.33
N GLN A 30 9.60 -12.38 -10.95
CA GLN A 30 9.59 -13.63 -10.21
C GLN A 30 10.66 -13.64 -9.12
N VAL A 31 11.88 -13.24 -9.45
CA VAL A 31 12.94 -13.23 -8.44
C VAL A 31 12.64 -12.21 -7.37
N TYR A 32 12.04 -11.07 -7.73
CA TYR A 32 11.66 -10.09 -6.73
C TYR A 32 10.65 -10.68 -5.75
N ARG A 33 9.67 -11.45 -6.25
CA ARG A 33 8.61 -11.93 -5.38
C ARG A 33 9.09 -12.99 -4.40
N ALA A 34 10.20 -13.67 -4.70
CA ALA A 34 10.64 -14.80 -3.89
C ALA A 34 11.52 -14.41 -2.71
N THR A 35 11.78 -13.12 -2.50
CA THR A 35 12.62 -12.67 -1.41
C THR A 35 11.87 -11.68 -0.55
N HIS A 36 12.04 -11.78 0.76
CA HIS A 36 11.36 -10.94 1.74
C HIS A 36 12.35 -9.93 2.31
N ARG A 37 11.89 -8.69 2.46
CA ARG A 37 12.74 -7.58 2.87
C ARG A 37 12.47 -7.23 4.33
N LEU A 38 13.53 -7.17 5.13
CA LEU A 38 13.46 -6.87 6.55
C LEU A 38 14.23 -5.60 6.85
N LEU A 39 13.76 -4.84 7.84
CA LEU A 39 14.43 -3.64 8.30
C LEU A 39 14.93 -3.85 9.72
N LEU A 40 16.21 -3.57 9.94
CA LEU A 40 16.83 -3.71 11.26
C LEU A 40 16.94 -2.34 11.90
N LEU A 41 16.46 -2.23 13.14
CA LEU A 41 16.38 -0.95 13.83
C LEU A 41 16.83 -1.14 15.27
N GLY A 42 17.34 -0.08 15.86
CA GLY A 42 17.82 -0.12 17.23
C GLY A 42 18.89 0.94 17.47
N ALA A 43 19.22 1.12 18.75
CA ALA A 43 20.25 2.07 19.13
C ALA A 43 21.62 1.40 19.19
N ASP A 44 22.65 2.23 19.35
CA ASP A 44 24.02 1.74 19.39
C ASP A 44 24.33 0.91 20.63
N ASN A 45 23.60 1.12 21.72
CA ASN A 45 23.83 0.30 22.91
C ASN A 45 23.51 -1.17 22.65
N SER A 46 22.44 -1.44 21.93
CA SER A 46 22.08 -2.81 21.59
C SER A 46 23.09 -3.41 20.63
N GLY A 47 23.38 -4.69 20.81
CA GLY A 47 24.31 -5.38 19.94
C GLY A 47 23.65 -5.89 18.68
N LYS A 48 22.90 -5.03 17.99
CA LYS A 48 22.19 -5.47 16.80
C LYS A 48 23.15 -5.93 15.71
N SER A 49 24.39 -5.44 15.73
CA SER A 49 25.39 -5.96 14.82
C SER A 49 25.78 -7.39 15.17
N THR A 50 25.74 -7.73 16.47
CA THR A 50 26.03 -9.10 16.88
C THR A 50 24.97 -10.09 16.40
N ILE A 51 23.76 -9.61 16.12
CA ILE A 51 22.74 -10.49 15.56
C ILE A 51 23.08 -10.84 14.12
N VAL A 52 23.51 -9.86 13.33
CA VAL A 52 23.80 -10.11 11.92
C VAL A 52 25.16 -10.78 11.75
N LYS A 53 26.06 -10.63 12.71
CA LYS A 53 27.33 -11.34 12.65
C LYS A 53 27.14 -12.84 12.80
N GLN A 54 26.02 -13.28 13.36
CA GLN A 54 25.73 -14.72 13.49
C GLN A 54 25.03 -15.27 12.26
N MET A 55 24.79 -14.45 11.24
CA MET A 55 24.30 -14.90 9.95
C MET A 55 25.27 -14.64 8.81
N ARG A 56 26.07 -13.59 8.90
CA ARG A 56 27.04 -13.27 7.85
C ARG A 56 28.16 -14.31 7.81
N GLY A 70 27.15 4.47 4.79
CA GLY A 70 26.09 4.04 3.89
C GLY A 70 25.22 2.94 4.48
N ILE A 71 24.39 2.32 3.63
CA ILE A 71 23.50 1.28 4.09
C ILE A 71 24.23 -0.05 4.11
N PHE A 72 24.18 -0.74 5.24
CA PHE A 72 24.73 -2.08 5.36
C PHE A 72 23.65 -3.11 5.11
N GLU A 73 24.04 -4.24 4.53
CA GLU A 73 23.09 -5.29 4.15
C GLU A 73 23.62 -6.65 4.59
N THR A 74 22.70 -7.56 4.84
CA THR A 74 23.03 -8.93 5.21
C THR A 74 22.04 -9.87 4.55
N LYS A 75 22.55 -10.91 3.89
CA LYS A 75 21.72 -11.91 3.22
C LYS A 75 21.98 -13.27 3.83
N PHE A 76 20.91 -13.94 4.27
CA PHE A 76 21.00 -15.28 4.82
C PHE A 76 19.82 -16.09 4.31
N GLN A 77 20.00 -17.41 4.30
CA GLN A 77 19.00 -18.32 3.74
C GLN A 77 18.69 -19.41 4.75
N VAL A 78 17.41 -19.61 5.01
CA VAL A 78 16.95 -20.65 5.92
C VAL A 78 15.80 -21.40 5.25
N ASP A 79 15.90 -22.73 5.22
CA ASP A 79 14.89 -23.58 4.60
C ASP A 79 14.60 -23.14 3.17
N LYS A 80 15.66 -22.81 2.44
CA LYS A 80 15.61 -22.48 1.02
C LYS A 80 14.87 -21.19 0.72
N VAL A 81 14.55 -20.40 1.75
CA VAL A 81 13.90 -19.11 1.58
C VAL A 81 14.95 -18.02 1.76
N ASN A 82 14.96 -17.04 0.86
CA ASN A 82 15.97 -15.99 0.85
C ASN A 82 15.44 -14.78 1.60
N PHE A 83 16.24 -14.28 2.55
CA PHE A 83 15.91 -13.10 3.33
C PHE A 83 16.94 -12.01 3.06
N HIS A 84 16.49 -10.76 3.02
CA HIS A 84 17.35 -9.61 2.76
C HIS A 84 17.05 -8.54 3.80
N MET A 85 18.05 -8.20 4.60
CA MET A 85 17.87 -7.28 5.73
C MET A 85 18.79 -6.08 5.56
N PHE A 86 18.28 -4.90 5.90
CA PHE A 86 18.96 -3.63 5.66
C PHE A 86 19.17 -2.89 6.98
N ASP A 87 20.38 -2.40 7.19
CA ASP A 87 20.76 -1.64 8.39
C ASP A 87 21.19 -0.25 7.95
N VAL A 88 20.27 0.71 8.02
CA VAL A 88 20.57 2.08 7.63
C VAL A 88 21.20 2.81 8.81
N GLY A 89 22.45 3.23 8.63
CA GLY A 89 23.17 3.91 9.70
C GLY A 89 24.05 5.05 9.21
N GLY A 90 23.68 5.66 8.08
CA GLY A 90 24.48 6.72 7.51
C GLY A 90 23.71 8.02 7.33
N GLN A 91 22.87 8.36 8.31
CA GLN A 91 22.04 9.56 8.23
C GLN A 91 22.06 10.28 9.57
N ARG A 92 21.45 11.47 9.58
CA ARG A 92 21.38 12.27 10.80
C ARG A 92 20.39 11.65 11.79
N ASP A 93 20.30 12.28 12.95
CA ASP A 93 19.41 11.78 14.01
C ASP A 93 17.95 11.82 13.58
N GLU A 94 17.51 12.90 12.92
CA GLU A 94 16.12 13.01 12.51
C GLU A 94 15.80 11.97 11.44
N ARG A 95 14.64 11.34 11.58
CA ARG A 95 14.28 10.24 10.69
C ARG A 95 12.82 10.21 10.27
N ARG A 96 12.05 11.28 10.50
CA ARG A 96 10.63 11.24 10.16
C ARG A 96 10.38 11.30 8.66
N LYS A 97 11.42 11.55 7.86
CA LYS A 97 11.24 11.67 6.42
C LYS A 97 11.73 10.45 5.66
N TRP A 98 12.89 9.90 6.02
CA TRP A 98 13.41 8.75 5.28
C TRP A 98 12.87 7.43 5.79
N ILE A 99 12.17 7.41 6.93
CA ILE A 99 11.58 6.18 7.42
C ILE A 99 10.46 5.70 6.50
N GLN A 100 9.81 6.61 5.78
CA GLN A 100 8.69 6.24 4.95
C GLN A 100 9.08 5.29 3.82
N CYS A 101 10.35 5.27 3.42
CA CYS A 101 10.75 4.45 2.29
C CYS A 101 10.50 2.96 2.56
N PHE A 102 10.40 2.57 3.82
CA PHE A 102 10.26 1.17 4.20
C PHE A 102 8.82 0.79 4.52
N ASN A 103 7.85 1.35 3.81
CA ASN A 103 6.45 1.09 4.11
C ASN A 103 6.00 -0.31 3.75
N ASP A 104 6.74 -1.01 2.88
CA ASP A 104 6.29 -2.28 2.33
C ASP A 104 7.18 -3.45 2.76
N VAL A 105 8.00 -3.27 3.80
CA VAL A 105 8.83 -4.39 4.25
C VAL A 105 7.95 -5.49 4.83
N THR A 106 8.53 -6.69 4.92
CA THR A 106 7.79 -7.82 5.48
C THR A 106 7.69 -7.71 7.00
N ALA A 107 8.74 -7.23 7.65
CA ALA A 107 8.74 -7.08 9.09
C ALA A 107 9.83 -6.12 9.50
N ILE A 108 9.74 -5.64 10.74
CA ILE A 108 10.74 -4.76 11.33
C ILE A 108 11.32 -5.45 12.55
N ILE A 109 12.65 -5.51 12.62
CA ILE A 109 13.35 -6.12 13.75
C ILE A 109 13.74 -5.00 14.70
N PHE A 110 13.31 -5.11 15.95
CA PHE A 110 13.60 -4.12 16.98
C PHE A 110 14.49 -4.77 18.03
N VAL A 111 15.61 -4.13 18.34
CA VAL A 111 16.58 -4.64 19.31
C VAL A 111 16.70 -3.63 20.43
N VAL A 112 16.64 -4.11 21.67
CA VAL A 112 16.70 -3.27 22.87
C VAL A 112 17.75 -3.84 23.81
N ASP A 113 18.55 -2.95 24.39
CA ASP A 113 19.45 -3.33 25.48
C ASP A 113 18.66 -3.22 26.78
N SER A 114 18.19 -4.37 27.26
CA SER A 114 17.30 -4.41 28.42
C SER A 114 18.03 -4.21 29.73
N SER A 115 19.37 -4.14 29.72
CA SER A 115 20.12 -4.00 30.95
C SER A 115 20.30 -2.55 31.38
N ASP A 116 20.26 -1.60 30.45
CA ASP A 116 20.55 -0.20 30.75
C ASP A 116 19.23 0.52 30.97
N TYR A 117 18.85 0.69 32.24
CA TYR A 117 17.53 1.21 32.57
C TYR A 117 17.33 2.62 32.07
N ASN A 118 18.39 3.43 32.03
CA ASN A 118 18.24 4.84 31.65
C ASN A 118 17.81 5.01 30.20
N ARG A 119 17.90 3.97 29.38
CA ARG A 119 17.54 4.05 27.96
C ARG A 119 16.20 3.41 27.64
N LEU A 120 15.64 2.63 28.58
CA LEU A 120 14.38 1.94 28.31
C LEU A 120 13.27 2.92 27.93
N GLN A 121 13.25 4.09 28.57
CA GLN A 121 12.21 5.07 28.26
C GLN A 121 12.33 5.57 26.82
N GLU A 122 13.55 5.86 26.38
CA GLU A 122 13.75 6.27 24.99
C GLU A 122 13.35 5.15 24.03
N ALA A 123 13.70 3.91 24.37
CA ALA A 123 13.31 2.80 23.51
C ALA A 123 11.79 2.68 23.43
N LEU A 124 11.10 2.84 24.55
CA LEU A 124 9.64 2.77 24.55
C LEU A 124 9.04 3.91 23.74
N ASN A 125 9.61 5.11 23.85
CA ASN A 125 9.10 6.24 23.07
C ASN A 125 9.26 5.99 21.58
N LEU A 126 10.42 5.49 21.16
CA LEU A 126 10.63 5.18 19.76
C LEU A 126 9.68 4.08 19.29
N PHE A 127 9.48 3.05 20.11
CA PHE A 127 8.58 1.96 19.76
C PHE A 127 7.15 2.48 19.58
N LYS A 128 6.70 3.34 20.49
CA LYS A 128 5.36 3.91 20.37
C LYS A 128 5.24 4.80 19.15
N SER A 129 6.26 5.59 18.84
CA SER A 129 6.21 6.42 17.64
C SER A 129 6.11 5.57 16.38
N ILE A 130 6.87 4.47 16.33
CA ILE A 130 6.81 3.59 15.17
C ILE A 130 5.43 2.93 15.07
N TRP A 131 4.90 2.45 16.20
CA TRP A 131 3.69 1.65 16.17
C TRP A 131 2.49 2.44 15.65
N ASN A 132 2.47 3.75 15.84
CA ASN A 132 1.31 4.57 15.53
C ASN A 132 1.50 5.44 14.30
N ASN A 133 2.58 5.27 13.55
CA ASN A 133 2.80 6.09 12.37
C ASN A 133 1.78 5.74 11.28
N ARG A 134 1.39 6.74 10.50
CA ARG A 134 0.36 6.53 9.49
C ARG A 134 0.80 5.51 8.45
N TRP A 135 2.03 5.63 7.96
CA TRP A 135 2.52 4.78 6.88
C TRP A 135 3.14 3.48 7.37
N LEU A 136 3.03 3.18 8.67
CA LEU A 136 3.55 1.96 9.23
C LEU A 136 2.53 1.19 10.06
N ARG A 137 1.24 1.50 9.93
CA ARG A 137 0.19 0.89 10.72
C ARG A 137 -0.13 -0.54 10.31
N THR A 138 0.63 -1.15 9.40
CA THR A 138 0.35 -2.53 8.99
C THR A 138 1.61 -3.40 8.97
N ILE A 139 2.66 -3.01 9.67
CA ILE A 139 3.92 -3.75 9.68
C ILE A 139 4.09 -4.38 11.05
N SER A 140 4.24 -5.70 11.09
CA SER A 140 4.50 -6.40 12.33
C SER A 140 5.94 -6.18 12.76
N VAL A 141 6.18 -6.27 14.07
CA VAL A 141 7.49 -6.01 14.66
C VAL A 141 7.92 -7.24 15.43
N ILE A 142 9.13 -7.73 15.13
CA ILE A 142 9.77 -8.77 15.93
C ILE A 142 10.64 -8.07 16.97
N LEU A 143 10.33 -8.29 18.24
CA LEU A 143 10.98 -7.59 19.34
C LEU A 143 12.00 -8.51 20.00
N PHE A 144 13.24 -8.06 20.07
CA PHE A 144 14.32 -8.80 20.70
C PHE A 144 14.74 -8.09 21.98
N LEU A 145 14.75 -8.82 23.09
CA LEU A 145 15.25 -8.32 24.36
C LEU A 145 16.64 -8.89 24.55
N ASN A 146 17.63 -8.15 24.06
CA ASN A 146 19.00 -8.65 23.98
C ASN A 146 19.72 -8.49 25.32
N LYS A 147 20.86 -9.19 25.44
CA LYS A 147 21.73 -9.07 26.59
C LYS A 147 21.02 -9.48 27.88
N GLN A 148 20.57 -10.72 27.94
CA GLN A 148 19.91 -11.22 29.15
C GLN A 148 20.91 -11.55 30.25
N ASP A 149 22.12 -12.00 29.87
CA ASP A 149 23.12 -12.34 30.88
C ASP A 149 23.51 -11.12 31.70
N LEU A 150 23.70 -9.98 31.04
CA LEU A 150 24.01 -8.75 31.77
C LEU A 150 22.86 -8.36 32.69
N LEU A 151 21.61 -8.53 32.25
CA LEU A 151 20.47 -8.23 33.10
C LEU A 151 20.48 -9.11 34.34
N ALA A 152 20.74 -10.41 34.17
CA ALA A 152 20.77 -11.31 35.32
C ALA A 152 21.88 -10.91 36.28
N GLU A 153 23.06 -10.61 35.75
CA GLU A 153 24.18 -10.23 36.62
C GLU A 153 23.87 -8.94 37.37
N LYS A 154 23.26 -7.96 36.70
CA LYS A 154 22.91 -6.72 37.37
C LYS A 154 21.89 -6.94 38.47
N VAL A 155 20.84 -7.71 38.18
CA VAL A 155 19.78 -7.90 39.17
C VAL A 155 20.29 -8.70 40.36
N LEU A 156 21.14 -9.71 40.12
CA LEU A 156 21.61 -10.54 41.22
C LEU A 156 22.47 -9.78 42.22
N ALA A 157 22.96 -8.60 41.87
CA ALA A 157 23.77 -7.81 42.78
C ALA A 157 22.92 -7.26 43.92
N SER A 160 21.85 0.04 40.99
CA SER A 160 20.56 0.14 40.32
C SER A 160 19.57 -0.85 40.93
N LYS A 161 18.28 -0.51 40.86
CA LYS A 161 17.24 -1.37 41.41
C LYS A 161 16.01 -1.50 40.52
N ILE A 162 16.02 -0.91 39.33
CA ILE A 162 14.91 -1.01 38.40
C ILE A 162 13.71 -0.20 38.89
N GLU A 163 13.38 -0.35 40.17
CA GLU A 163 12.24 0.39 40.73
C GLU A 163 12.49 1.89 40.70
N ASP A 164 13.73 2.33 40.87
CA ASP A 164 14.02 3.76 40.88
C ASP A 164 13.67 4.43 39.56
N TYR A 165 13.57 3.68 38.47
CA TYR A 165 13.20 4.22 37.18
C TYR A 165 11.73 3.97 36.82
N PHE A 166 11.16 2.87 37.29
CA PHE A 166 9.76 2.53 37.06
C PHE A 166 9.11 2.21 38.39
N PRO A 167 8.49 3.19 39.06
CA PRO A 167 7.93 2.93 40.38
C PRO A 167 6.82 1.88 40.39
N GLU A 168 6.12 1.69 39.27
CA GLU A 168 5.04 0.71 39.24
C GLU A 168 5.54 -0.72 39.37
N PHE A 169 6.85 -0.93 39.25
CA PHE A 169 7.40 -2.28 39.34
C PHE A 169 7.16 -2.90 40.71
N ALA A 170 7.08 -2.07 41.76
CA ALA A 170 6.96 -2.59 43.12
C ALA A 170 5.63 -3.31 43.35
N ARG A 171 4.64 -3.11 42.48
CA ARG A 171 3.36 -3.78 42.60
C ARG A 171 3.24 -5.00 41.68
N TYR A 172 4.31 -5.38 41.00
CA TYR A 172 4.25 -6.40 39.97
C TYR A 172 4.35 -7.80 40.56
N THR A 173 3.71 -8.77 39.89
CA THR A 173 3.82 -10.17 40.23
C THR A 173 3.96 -10.99 38.96
N THR A 174 4.74 -12.06 39.03
CA THR A 174 4.99 -12.87 37.84
C THR A 174 3.69 -13.54 37.38
N PRO A 175 3.49 -13.73 36.07
CA PRO A 175 2.28 -14.38 35.56
C PRO A 175 2.04 -15.76 36.14
N PRO A 182 15.79 -17.28 35.67
CA PRO A 182 14.85 -18.32 36.10
C PRO A 182 15.54 -19.55 36.67
N GLY A 183 16.82 -19.72 36.37
CA GLY A 183 17.54 -20.88 36.83
C GLY A 183 17.57 -21.04 38.34
N GLU A 184 17.83 -19.96 39.07
CA GLU A 184 17.92 -20.03 40.52
C GLU A 184 17.30 -18.81 41.20
N ASP A 185 16.53 -18.00 40.47
CA ASP A 185 16.00 -16.78 41.05
C ASP A 185 14.70 -16.35 40.38
N PRO A 186 13.56 -16.37 41.09
CA PRO A 186 12.34 -15.77 40.53
C PRO A 186 12.46 -14.28 40.28
N ARG A 187 13.41 -13.60 40.95
CA ARG A 187 13.55 -12.16 40.79
C ARG A 187 13.87 -11.79 39.35
N VAL A 188 14.79 -12.52 38.72
CA VAL A 188 15.16 -12.22 37.34
C VAL A 188 13.98 -12.47 36.41
N THR A 189 13.21 -13.53 36.64
CA THR A 189 12.02 -13.76 35.82
C THR A 189 11.04 -12.61 35.98
N ARG A 190 10.81 -12.16 37.21
CA ARG A 190 9.91 -11.04 37.44
C ARG A 190 10.38 -9.81 36.67
N ALA A 191 11.67 -9.50 36.75
CA ALA A 191 12.18 -8.30 36.08
C ALA A 191 12.03 -8.40 34.57
N LYS A 192 12.46 -9.53 33.99
CA LYS A 192 12.41 -9.66 32.53
C LYS A 192 10.98 -9.65 32.02
N TYR A 193 10.06 -10.32 32.72
CA TYR A 193 8.68 -10.33 32.28
C TYR A 193 8.02 -8.97 32.47
N PHE A 194 8.41 -8.23 33.51
CA PHE A 194 7.92 -6.86 33.65
C PHE A 194 8.36 -6.01 32.47
N ILE A 195 9.63 -6.14 32.06
CA ILE A 195 10.12 -5.38 30.91
C ILE A 195 9.31 -5.75 29.67
N ARG A 196 9.10 -7.05 29.45
CA ARG A 196 8.35 -7.48 28.27
C ARG A 196 6.93 -6.93 28.28
N ASP A 197 6.26 -7.00 29.44
CA ASP A 197 4.92 -6.47 29.55
C ASP A 197 4.88 -4.97 29.31
N GLU A 198 5.96 -4.26 29.65
CA GLU A 198 6.02 -2.84 29.37
C GLU A 198 5.82 -2.54 27.89
N PHE A 199 6.39 -3.36 27.01
CA PHE A 199 6.20 -3.18 25.57
C PHE A 199 4.84 -3.71 25.13
N LEU A 200 4.44 -4.88 25.63
CA LEU A 200 3.18 -5.48 25.21
C LEU A 200 2.00 -4.58 25.56
N ARG A 201 2.09 -3.82 26.64
CA ARG A 201 0.99 -2.95 27.04
C ARG A 201 0.67 -1.93 25.96
N ILE A 202 1.71 -1.30 25.40
CA ILE A 202 1.46 -0.32 24.34
C ILE A 202 1.18 -1.02 23.02
N SER A 203 1.74 -2.23 22.83
CA SER A 203 1.47 -2.96 21.60
C SER A 203 0.00 -3.32 21.47
N THR A 204 -0.63 -3.72 22.58
CA THR A 204 -2.02 -4.15 22.56
C THR A 204 -3.01 -3.01 22.78
N ALA A 205 -2.55 -1.76 22.78
CA ALA A 205 -3.46 -0.63 22.95
C ALA A 205 -4.11 -0.19 21.65
N SER A 206 -3.65 -0.70 20.51
CA SER A 206 -4.22 -0.32 19.22
C SER A 206 -3.98 -1.40 18.18
N ARG A 210 -4.58 -5.31 13.06
CA ARG A 210 -4.09 -5.51 11.70
C ARG A 210 -2.63 -5.97 11.69
N HIS A 211 -1.87 -5.55 12.71
CA HIS A 211 -0.47 -5.93 12.81
C HIS A 211 -0.18 -6.33 14.25
N TYR A 212 0.84 -7.18 14.42
CA TYR A 212 1.11 -7.82 15.70
C TYR A 212 2.59 -7.76 16.02
N CYS A 213 2.88 -7.88 17.31
CA CYS A 213 4.25 -7.88 17.83
C CYS A 213 4.60 -9.27 18.34
N TYR A 214 5.85 -9.68 18.13
CA TYR A 214 6.34 -11.01 18.53
C TYR A 214 7.58 -10.85 19.41
N PRO A 215 7.44 -10.93 20.73
CA PRO A 215 8.61 -10.78 21.61
C PRO A 215 9.44 -12.05 21.71
N HIS A 216 10.75 -11.87 21.87
CA HIS A 216 11.68 -12.96 22.12
C HIS A 216 12.79 -12.49 23.04
N PHE A 217 13.15 -13.33 24.01
CA PHE A 217 14.38 -13.14 24.75
C PHE A 217 15.54 -13.70 23.94
N THR A 218 16.71 -13.06 24.06
CA THR A 218 17.89 -13.52 23.35
C THR A 218 19.14 -13.10 24.09
N CYS A 219 20.13 -13.98 24.06
CA CYS A 219 21.46 -13.68 24.59
C CYS A 219 22.34 -13.14 23.48
N ALA A 220 23.65 -13.06 23.76
CA ALA A 220 24.61 -12.61 22.76
C ALA A 220 25.22 -13.75 21.96
N VAL A 221 24.91 -15.01 22.29
CA VAL A 221 25.50 -16.16 21.62
C VAL A 221 24.41 -17.13 21.17
N ASP A 222 23.23 -16.60 20.86
CA ASP A 222 22.08 -17.43 20.50
C ASP A 222 22.09 -17.71 19.01
N THR A 223 22.28 -18.98 18.63
CA THR A 223 22.25 -19.36 17.22
C THR A 223 20.87 -19.89 16.83
N GLU A 224 19.82 -19.14 17.14
CA GLU A 224 18.46 -19.56 16.81
C GLU A 224 17.63 -18.39 16.30
N ASN A 225 18.22 -17.19 16.24
CA ASN A 225 17.48 -16.02 15.82
C ASN A 225 16.99 -16.12 14.38
N ALA A 226 17.77 -16.77 13.51
CA ALA A 226 17.31 -16.99 12.14
C ALA A 226 16.06 -17.86 12.13
N ARG A 227 16.04 -18.92 12.92
CA ARG A 227 14.87 -19.78 13.00
C ARG A 227 13.67 -19.01 13.56
N ARG A 228 13.89 -18.19 14.58
CA ARG A 228 12.80 -17.41 15.15
C ARG A 228 12.21 -16.47 14.11
N ILE A 229 13.08 -15.77 13.38
CA ILE A 229 12.60 -14.87 12.33
C ILE A 229 11.84 -15.64 11.26
N PHE A 230 12.34 -16.82 10.89
CA PHE A 230 11.68 -17.64 9.88
C PHE A 230 10.26 -17.99 10.32
N ASN A 231 10.12 -18.50 11.55
CA ASN A 231 8.80 -18.87 12.04
C ASN A 231 7.87 -17.67 12.14
N ASP A 232 8.38 -16.53 12.61
CA ASP A 232 7.54 -15.35 12.74
C ASP A 232 7.07 -14.83 11.38
N CYS A 233 7.96 -14.82 10.39
CA CYS A 233 7.55 -14.42 9.05
C CYS A 233 6.55 -15.40 8.48
N ARG A 234 6.75 -16.70 8.71
CA ARG A 234 5.76 -17.68 8.30
C ARG A 234 4.39 -17.35 8.85
N ASP A 235 4.32 -17.09 10.16
CA ASP A 235 3.03 -16.78 10.78
C ASP A 235 2.42 -15.52 10.19
N ILE A 236 3.24 -14.48 10.00
CA ILE A 236 2.73 -13.21 9.49
C ILE A 236 2.12 -13.39 8.10
N ILE A 237 2.85 -14.08 7.22
CA ILE A 237 2.38 -14.24 5.85
C ILE A 237 1.16 -15.15 5.81
N GLN A 238 1.13 -16.18 6.65
CA GLN A 238 -0.05 -17.04 6.71
C GLN A 238 -1.28 -16.23 7.13
N ARG A 239 -1.12 -15.38 8.15
CA ARG A 239 -2.22 -14.55 8.60
C ARG A 239 -2.69 -13.59 7.51
N MET A 240 -1.76 -13.02 6.74
CA MET A 240 -2.15 -12.14 5.66
C MET A 240 -2.92 -12.91 4.58
N HIS A 241 -2.44 -14.10 4.21
CA HIS A 241 -3.10 -14.88 3.17
C HIS A 241 -4.50 -15.29 3.61
N LEU A 242 -4.68 -15.58 4.91
CA LEU A 242 -5.98 -16.00 5.40
C LEU A 242 -7.07 -15.00 5.05
N ARG A 243 -6.74 -13.70 4.99
CA ARG A 243 -7.71 -12.70 4.58
C ARG A 243 -7.62 -12.42 3.08
N GLN A 244 -6.42 -12.52 2.50
CA GLN A 244 -6.29 -12.30 1.06
C GLN A 244 -7.19 -13.24 0.28
N TYR A 245 -7.38 -14.46 0.77
CA TYR A 245 -8.22 -15.44 0.09
C TYR A 245 -9.67 -15.39 0.53
N GLU A 246 -10.11 -14.30 1.16
CA GLU A 246 -11.51 -14.08 1.53
C GLU A 246 -12.02 -15.13 2.51
N LEU A 247 -11.14 -15.80 3.24
CA LEU A 247 -11.55 -16.75 4.26
C LEU A 247 -11.77 -16.11 5.62
N LEU A 248 -11.54 -14.80 5.74
CA LEU A 248 -11.72 -14.11 7.02
C LEU A 248 -10.68 -14.56 8.03
N LEU B 44 15.19 43.10 15.92
CA LEU B 44 15.79 43.19 14.56
C LEU B 44 14.80 42.68 13.52
N LYS B 45 14.27 41.48 13.75
CA LYS B 45 13.29 40.91 12.82
C LYS B 45 11.99 41.70 12.79
N ASN B 46 11.63 42.36 13.90
CA ASN B 46 10.41 43.16 13.91
C ASN B 46 10.49 44.31 12.92
N GLN B 47 11.70 44.84 12.66
CA GLN B 47 11.84 45.85 11.63
C GLN B 47 11.46 45.29 10.25
N ILE B 48 11.90 44.07 9.95
CA ILE B 48 11.53 43.44 8.69
C ILE B 48 10.03 43.19 8.64
N ARG B 49 9.44 42.77 9.76
CA ARG B 49 8.00 42.56 9.79
C ARG B 49 7.25 43.85 9.50
N ASP B 50 7.66 44.95 10.14
CA ASP B 50 7.01 46.23 9.89
C ASP B 50 7.20 46.67 8.44
N ALA B 51 8.39 46.47 7.89
CA ALA B 51 8.64 46.85 6.50
C ALA B 51 7.72 46.07 5.55
N ARG B 52 7.59 44.76 5.77
CA ARG B 52 6.70 43.97 4.92
C ARG B 52 5.25 44.39 5.11
N LYS B 53 4.86 44.71 6.35
CA LYS B 53 3.49 45.16 6.59
C LYS B 53 3.19 46.46 5.87
N ALA B 54 4.16 47.39 5.84
CA ALA B 54 3.93 48.69 5.24
C ALA B 54 3.59 48.59 3.75
N CYS B 55 3.98 47.51 3.08
CA CYS B 55 3.71 47.36 1.66
C CYS B 55 2.34 46.77 1.37
N ALA B 56 1.55 46.44 2.39
CA ALA B 56 0.26 45.78 2.22
C ALA B 56 -0.80 46.83 1.85
N ASP B 57 -0.79 47.21 0.57
CA ASP B 57 -1.80 48.13 0.06
C ASP B 57 -3.17 47.46 0.05
N ALA B 58 -3.30 46.38 -0.70
CA ALA B 58 -4.56 45.63 -0.75
C ALA B 58 -4.24 44.17 -1.08
N THR B 59 -5.11 43.29 -0.61
CA THR B 59 -4.91 41.86 -0.82
C THR B 59 -5.17 41.50 -2.28
N LEU B 60 -4.52 40.42 -2.72
CA LEU B 60 -4.71 39.95 -4.09
C LEU B 60 -6.18 39.60 -4.34
N SER B 61 -6.89 39.16 -3.31
CA SER B 61 -8.31 38.82 -3.48
C SER B 61 -9.12 40.05 -3.90
N GLN B 62 -8.86 41.19 -3.26
CA GLN B 62 -9.58 42.41 -3.62
C GLN B 62 -9.29 42.81 -5.06
N ILE B 63 -8.02 42.73 -5.47
CA ILE B 63 -7.66 43.14 -6.82
C ILE B 63 -8.27 42.20 -7.85
N THR B 64 -8.33 40.91 -7.54
CA THR B 64 -8.77 39.90 -8.50
C THR B 64 -10.27 39.65 -8.46
N ASN B 65 -11.03 40.45 -7.70
CA ASN B 65 -12.47 40.23 -7.59
C ASN B 65 -13.19 40.46 -8.91
N ASN B 66 -12.54 41.09 -9.89
CA ASN B 66 -13.21 41.44 -11.15
C ASN B 66 -12.92 40.48 -12.29
N ILE B 67 -11.78 39.77 -12.26
CA ILE B 67 -11.42 38.89 -13.37
C ILE B 67 -12.47 37.79 -13.50
N ASP B 68 -12.69 37.35 -14.74
CA ASP B 68 -13.71 36.35 -15.00
C ASP B 68 -13.29 34.99 -14.45
N PRO B 69 -14.25 34.11 -14.17
CA PRO B 69 -13.92 32.80 -13.61
C PRO B 69 -13.36 31.85 -14.65
N VAL B 70 -12.53 30.91 -14.18
CA VAL B 70 -12.05 29.84 -15.05
C VAL B 70 -13.19 28.90 -15.43
N GLY B 71 -14.09 28.64 -14.50
CA GLY B 71 -15.16 27.70 -14.74
C GLY B 71 -14.76 26.28 -14.41
N ARG B 72 -15.72 25.37 -14.56
CA ARG B 72 -15.48 23.96 -14.27
C ARG B 72 -14.45 23.39 -15.22
N ILE B 73 -13.51 22.61 -14.68
CA ILE B 73 -12.48 21.95 -15.46
C ILE B 73 -12.62 20.45 -15.24
N GLN B 74 -12.95 19.73 -16.30
CA GLN B 74 -13.05 18.28 -16.29
C GLN B 74 -12.01 17.70 -17.23
N MET B 75 -11.19 16.80 -16.71
CA MET B 75 -10.14 16.16 -17.50
C MET B 75 -10.32 14.65 -17.42
N ARG B 76 -9.87 13.96 -18.46
CA ARG B 76 -10.01 12.52 -18.57
C ARG B 76 -8.66 11.89 -18.86
N THR B 77 -8.44 10.70 -18.30
CA THR B 77 -7.19 9.98 -18.51
C THR B 77 -7.11 9.54 -19.97
N ARG B 78 -5.93 9.73 -20.58
CA ARG B 78 -5.70 9.32 -21.95
C ARG B 78 -4.80 8.09 -22.07
N ARG B 79 -3.86 7.90 -21.15
CA ARG B 79 -2.92 6.80 -21.23
C ARG B 79 -2.71 6.22 -19.84
N THR B 80 -2.16 5.01 -19.80
CA THR B 80 -1.77 4.37 -18.54
C THR B 80 -0.52 3.54 -18.80
N LEU B 81 0.52 3.79 -18.00
CA LEU B 81 1.81 3.13 -18.16
C LEU B 81 2.01 2.15 -17.00
N ARG B 82 2.35 0.91 -17.34
CA ARG B 82 2.51 -0.16 -16.37
C ARG B 82 3.87 -0.83 -16.55
N GLY B 83 4.34 -1.48 -15.49
CA GLY B 83 5.60 -2.22 -15.57
C GLY B 83 6.43 -2.15 -14.31
N HIS B 84 6.30 -1.08 -13.53
CA HIS B 84 7.06 -0.98 -12.29
C HIS B 84 6.54 -1.95 -11.25
N LEU B 85 7.47 -2.60 -10.55
CA LEU B 85 7.10 -3.59 -9.54
C LEU B 85 6.62 -2.95 -8.23
N ALA B 86 7.21 -1.83 -7.83
CA ALA B 86 6.94 -1.24 -6.52
C ALA B 86 6.50 0.21 -6.73
N LYS B 87 6.37 0.93 -5.61
CA LYS B 87 5.85 2.29 -5.66
C LYS B 87 6.76 3.22 -6.45
N ILE B 88 6.16 4.10 -7.22
CA ILE B 88 6.89 5.10 -7.98
C ILE B 88 7.15 6.31 -7.09
N TYR B 89 8.33 6.91 -7.22
CA TYR B 89 8.74 8.00 -6.34
C TYR B 89 8.90 9.33 -7.06
N ALA B 90 9.32 9.34 -8.33
CA ALA B 90 9.59 10.60 -9.01
C ALA B 90 9.48 10.40 -10.52
N MET B 91 9.35 11.52 -11.22
CA MET B 91 9.30 11.53 -12.68
C MET B 91 9.67 12.93 -13.17
N HIS B 92 9.95 13.02 -14.46
CA HIS B 92 10.33 14.30 -15.06
C HIS B 92 10.10 14.27 -16.56
N TRP B 93 9.46 15.32 -17.09
CA TRP B 93 9.24 15.42 -18.52
C TRP B 93 10.51 15.83 -19.25
N GLY B 94 10.60 15.44 -20.52
CA GLY B 94 11.64 15.95 -21.39
C GLY B 94 11.23 17.26 -22.04
N THR B 95 12.18 17.85 -22.78
CA THR B 95 11.91 19.11 -23.44
C THR B 95 11.05 18.96 -24.69
N ASP B 96 11.15 17.81 -25.37
CA ASP B 96 10.35 17.58 -26.57
C ASP B 96 8.87 17.37 -26.25
N SER B 97 8.51 17.21 -24.98
CA SER B 97 7.14 16.98 -24.53
C SER B 97 6.60 15.61 -24.93
N ARG B 98 7.46 14.70 -25.38
CA ARG B 98 7.06 13.36 -25.78
C ARG B 98 7.63 12.28 -24.88
N LEU B 99 8.90 12.38 -24.50
CA LEU B 99 9.55 11.38 -23.68
C LEU B 99 9.62 11.84 -22.22
N LEU B 100 9.71 10.87 -21.31
CA LEU B 100 9.82 11.16 -19.89
C LEU B 100 10.47 9.98 -19.20
N VAL B 101 10.93 10.22 -17.97
CA VAL B 101 11.61 9.22 -17.18
C VAL B 101 10.93 9.12 -15.82
N SER B 102 10.98 7.92 -15.23
CA SER B 102 10.39 7.66 -13.93
C SER B 102 11.29 6.73 -13.13
N ALA B 103 11.26 6.88 -11.81
CA ALA B 103 12.09 6.09 -10.91
C ALA B 103 11.19 5.36 -9.92
N SER B 104 11.57 4.12 -9.60
CA SER B 104 10.82 3.29 -8.68
C SER B 104 11.77 2.67 -7.67
N GLN B 105 11.26 2.39 -6.47
CA GLN B 105 12.09 1.88 -5.39
C GLN B 105 12.33 0.38 -5.46
N ASP B 106 11.95 -0.27 -6.55
CA ASP B 106 12.40 -1.63 -6.81
C ASP B 106 13.79 -1.66 -7.43
N GLY B 107 14.33 -0.50 -7.80
CA GLY B 107 15.66 -0.42 -8.37
C GLY B 107 15.64 -0.38 -9.88
N LYS B 108 14.82 0.49 -10.46
CA LYS B 108 14.65 0.55 -11.90
C LYS B 108 14.40 1.97 -12.36
N LEU B 109 14.96 2.30 -13.52
CA LEU B 109 14.64 3.51 -14.26
C LEU B 109 14.06 3.11 -15.62
N ILE B 110 13.02 3.81 -16.05
CA ILE B 110 12.33 3.50 -17.29
C ILE B 110 12.05 4.79 -18.04
N ILE B 111 12.25 4.76 -19.35
CA ILE B 111 11.97 5.88 -20.24
C ILE B 111 10.80 5.49 -21.14
N TRP B 112 9.79 6.35 -21.20
CA TRP B 112 8.54 6.05 -21.88
C TRP B 112 8.37 6.97 -23.08
N ASP B 113 7.73 6.44 -24.12
CA ASP B 113 7.24 7.26 -25.23
C ASP B 113 5.76 7.53 -24.98
N SER B 114 5.43 8.75 -24.58
CA SER B 114 4.07 9.06 -24.18
C SER B 114 3.05 8.81 -25.27
N TYR B 115 3.44 8.98 -26.54
CA TYR B 115 2.47 8.83 -27.62
C TYR B 115 2.04 7.39 -27.81
N THR B 116 2.99 6.45 -27.73
CA THR B 116 2.71 5.05 -28.00
C THR B 116 2.71 4.18 -26.75
N THR B 117 3.22 4.69 -25.63
CA THR B 117 3.35 3.95 -24.38
C THR B 117 4.39 2.83 -24.47
N ASN B 118 5.27 2.88 -25.46
CA ASN B 118 6.29 1.85 -25.60
C ASN B 118 7.49 2.17 -24.71
N LYS B 119 8.15 1.12 -24.22
CA LYS B 119 9.30 1.27 -23.33
C LYS B 119 10.55 1.42 -24.17
N VAL B 120 11.27 2.53 -23.98
CA VAL B 120 12.48 2.78 -24.75
C VAL B 120 13.70 2.18 -24.06
N HIS B 121 13.92 2.55 -22.80
CA HIS B 121 15.05 2.03 -22.03
C HIS B 121 14.59 1.61 -20.65
N ALA B 122 15.22 0.58 -20.12
CA ALA B 122 15.01 0.13 -18.75
C ALA B 122 16.37 -0.05 -18.10
N ILE B 123 16.67 0.80 -17.12
CA ILE B 123 17.99 0.88 -16.53
C ILE B 123 17.92 0.32 -15.11
N PRO B 124 18.62 -0.78 -14.81
CA PRO B 124 18.66 -1.26 -13.42
C PRO B 124 19.66 -0.45 -12.60
N LEU B 125 19.27 -0.11 -11.37
CA LEU B 125 20.11 0.68 -10.49
C LEU B 125 20.95 -0.22 -9.60
N ARG B 126 21.85 0.42 -8.85
CA ARG B 126 22.70 -0.29 -7.90
C ARG B 126 22.17 -0.23 -6.48
N SER B 127 21.45 0.83 -6.13
CA SER B 127 20.78 0.95 -4.84
C SER B 127 19.28 1.04 -5.06
N SER B 128 18.54 0.21 -4.32
CA SER B 128 17.10 0.11 -4.55
C SER B 128 16.38 1.42 -4.25
N TRP B 129 16.73 2.09 -3.16
CA TRP B 129 15.92 3.19 -2.63
C TRP B 129 16.27 4.51 -3.30
N VAL B 130 15.97 4.57 -4.60
CA VAL B 130 16.03 5.84 -5.32
C VAL B 130 14.92 6.76 -4.81
N MET B 131 15.19 8.06 -4.83
CA MET B 131 14.21 9.05 -4.39
C MET B 131 13.99 10.20 -5.35
N THR B 132 14.82 10.34 -6.39
CA THR B 132 14.69 11.45 -7.31
C THR B 132 15.30 11.08 -8.65
N CYS B 133 14.92 11.82 -9.68
CA CYS B 133 15.48 11.66 -11.01
C CYS B 133 15.19 12.91 -11.83
N ALA B 134 15.99 13.12 -12.86
CA ALA B 134 15.84 14.30 -13.69
C ALA B 134 16.30 14.00 -15.11
N TYR B 135 15.89 14.86 -16.04
CA TYR B 135 16.15 14.70 -17.46
C TYR B 135 16.93 15.90 -17.96
N ALA B 136 18.03 15.66 -18.66
CA ALA B 136 18.84 16.74 -19.18
C ALA B 136 18.06 17.50 -20.26
N PRO B 137 18.23 18.82 -20.34
CA PRO B 137 17.46 19.59 -21.32
C PRO B 137 17.71 19.17 -22.75
N SER B 138 18.90 18.68 -23.08
CA SER B 138 19.22 18.24 -24.43
C SER B 138 18.91 16.76 -24.67
N GLY B 139 18.47 16.03 -23.64
CA GLY B 139 18.12 14.64 -23.79
C GLY B 139 19.28 13.67 -23.80
N ASN B 140 20.52 14.15 -23.65
CA ASN B 140 21.67 13.27 -23.71
C ASN B 140 21.85 12.47 -22.42
N TYR B 141 21.45 13.03 -21.28
CA TYR B 141 21.78 12.45 -19.99
C TYR B 141 20.53 12.38 -19.10
N VAL B 142 20.58 11.44 -18.16
CA VAL B 142 19.56 11.25 -17.15
C VAL B 142 20.24 10.92 -15.83
N ALA B 143 19.70 11.44 -14.73
CA ALA B 143 20.32 11.31 -13.43
C ALA B 143 19.30 10.86 -12.40
N CYS B 144 19.80 10.21 -11.34
CA CYS B 144 18.96 9.71 -10.25
C CYS B 144 19.76 9.73 -8.96
N GLY B 145 19.05 9.63 -7.84
CA GLY B 145 19.69 9.61 -6.54
C GLY B 145 18.72 9.19 -5.46
N GLY B 146 19.27 8.87 -4.30
CA GLY B 146 18.46 8.39 -3.20
C GLY B 146 19.19 8.28 -1.87
N LEU B 147 18.95 7.19 -1.15
CA LEU B 147 19.50 7.00 0.20
C LEU B 147 20.98 6.65 0.21
N ASP B 148 21.60 6.41 -0.94
CA ASP B 148 23.02 6.08 -0.97
C ASP B 148 23.91 7.32 -0.87
N ASN B 149 23.32 8.52 -0.88
CA ASN B 149 24.08 9.76 -0.83
C ASN B 149 24.97 9.93 -2.07
N ILE B 150 24.54 9.35 -3.19
CA ILE B 150 25.27 9.41 -4.45
C ILE B 150 24.33 9.90 -5.53
N CYS B 151 24.84 10.74 -6.42
CA CYS B 151 24.10 11.21 -7.59
C CYS B 151 24.75 10.62 -8.83
N SER B 152 24.06 9.68 -9.47
CA SER B 152 24.56 8.98 -10.65
C SER B 152 24.00 9.62 -11.90
N ILE B 153 24.84 9.77 -12.92
CA ILE B 153 24.45 10.36 -14.19
C ILE B 153 24.69 9.32 -15.28
N TYR B 154 23.66 9.06 -16.09
CA TYR B 154 23.72 8.05 -17.13
C TYR B 154 23.74 8.70 -18.50
N ASN B 155 24.52 8.12 -19.41
CA ASN B 155 24.64 8.62 -20.77
C ASN B 155 23.80 7.74 -21.70
N LEU B 156 22.89 8.37 -22.44
CA LEU B 156 22.00 7.65 -23.33
C LEU B 156 22.52 7.53 -24.75
N LYS B 157 23.65 8.14 -25.07
CA LYS B 157 24.20 8.08 -26.42
C LYS B 157 24.92 6.76 -26.66
N VAL B 163 23.44 1.51 -22.24
CA VAL B 163 23.54 2.70 -21.41
C VAL B 163 24.26 2.35 -20.11
N ARG B 164 25.22 3.19 -19.72
CA ARG B 164 26.01 2.93 -18.52
C ARG B 164 26.34 4.26 -17.85
N VAL B 165 26.70 4.16 -16.57
CA VAL B 165 27.02 5.35 -15.78
C VAL B 165 28.20 6.08 -16.41
N SER B 166 28.19 7.40 -16.31
CA SER B 166 29.30 8.22 -16.78
C SER B 166 29.99 9.00 -15.67
N ARG B 167 29.30 9.26 -14.56
CA ARG B 167 29.86 10.02 -13.46
C ARG B 167 29.06 9.76 -12.20
N GLU B 168 29.77 9.64 -11.07
CA GLU B 168 29.16 9.48 -9.76
C GLU B 168 29.63 10.62 -8.87
N LEU B 169 28.67 11.39 -8.34
CA LEU B 169 28.97 12.61 -7.59
C LEU B 169 28.81 12.34 -6.11
N ALA B 170 29.90 11.85 -5.50
CA ALA B 170 29.91 11.55 -4.08
C ALA B 170 30.39 12.76 -3.28
N GLY B 171 29.92 12.86 -2.04
CA GLY B 171 30.34 13.94 -1.17
C GLY B 171 29.27 14.45 -0.23
N HIS B 172 28.00 14.21 -0.55
CA HIS B 172 26.92 14.57 0.36
C HIS B 172 26.94 13.68 1.59
N THR B 173 26.53 14.26 2.72
CA THR B 173 26.47 13.55 4.00
C THR B 173 25.06 13.10 4.35
N GLY B 174 24.10 13.25 3.44
CA GLY B 174 22.73 12.83 3.68
C GLY B 174 22.07 12.47 2.36
N TYR B 175 20.94 11.76 2.48
CA TYR B 175 20.22 11.30 1.31
C TYR B 175 19.87 12.47 0.39
N LEU B 176 19.78 12.18 -0.91
CA LEU B 176 19.48 13.19 -1.91
C LEU B 176 17.97 13.29 -2.09
N SER B 177 17.45 14.52 -2.09
CA SER B 177 16.02 14.74 -2.24
C SER B 177 15.64 15.17 -3.65
N CYS B 178 16.47 15.97 -4.32
CA CYS B 178 16.14 16.47 -5.64
C CYS B 178 17.43 16.81 -6.38
N CYS B 179 17.31 16.90 -7.71
CA CYS B 179 18.43 17.27 -8.56
C CYS B 179 17.87 17.75 -9.90
N ARG B 180 18.56 18.71 -10.50
CA ARG B 180 18.11 19.29 -11.76
C ARG B 180 19.31 19.77 -12.56
N PHE B 181 19.37 19.34 -13.83
CA PHE B 181 20.43 19.82 -14.71
C PHE B 181 20.24 21.30 -15.04
N LEU B 182 21.36 22.02 -15.12
CA LEU B 182 21.40 23.33 -15.76
C LEU B 182 21.89 23.24 -17.19
N ASP B 183 22.72 22.24 -17.47
CA ASP B 183 23.27 22.00 -18.81
C ASP B 183 23.98 20.66 -18.74
N ASP B 184 24.63 20.28 -19.85
CA ASP B 184 25.42 19.06 -19.86
C ASP B 184 26.65 19.17 -18.96
N ASN B 185 26.97 20.38 -18.48
CA ASN B 185 28.18 20.57 -17.70
C ASN B 185 27.91 20.70 -16.21
N GLN B 186 26.77 21.28 -15.82
CA GLN B 186 26.51 21.61 -14.43
C GLN B 186 25.16 21.09 -13.99
N ILE B 187 25.07 20.71 -12.72
CA ILE B 187 23.85 20.19 -12.11
C ILE B 187 23.76 20.71 -10.69
N VAL B 188 22.54 20.78 -10.16
CA VAL B 188 22.28 21.26 -8.80
C VAL B 188 21.53 20.18 -8.05
N THR B 189 21.90 19.96 -6.79
CA THR B 189 21.30 18.94 -5.95
C THR B 189 20.97 19.51 -4.58
N SER B 190 20.04 18.83 -3.90
CA SER B 190 19.73 19.11 -2.51
C SER B 190 19.78 17.81 -1.73
N SER B 191 20.16 17.91 -0.46
CA SER B 191 20.42 16.74 0.37
C SER B 191 19.71 16.87 1.71
N GLY B 192 19.57 15.74 2.39
CA GLY B 192 18.97 15.71 3.71
C GLY B 192 19.87 16.23 4.81
N ASP B 193 21.12 16.54 4.51
CA ASP B 193 22.02 17.17 5.46
C ASP B 193 21.89 18.69 5.48
N THR B 194 20.79 19.23 4.97
CA THR B 194 20.42 20.64 5.01
C THR B 194 21.26 21.50 4.08
N THR B 195 21.96 20.92 3.11
CA THR B 195 22.78 21.68 2.19
C THR B 195 22.38 21.42 0.74
N CYS B 196 22.53 22.46 -0.08
CA CYS B 196 22.42 22.36 -1.53
C CYS B 196 23.78 22.69 -2.14
N ALA B 197 24.08 22.08 -3.28
CA ALA B 197 25.39 22.21 -3.89
C ALA B 197 25.25 22.29 -5.41
N LEU B 198 26.28 22.84 -6.03
CA LEU B 198 26.39 22.90 -7.49
C LEU B 198 27.65 22.14 -7.90
N TRP B 199 27.50 21.25 -8.88
CA TRP B 199 28.57 20.35 -9.28
C TRP B 199 29.06 20.68 -10.68
N ASP B 200 30.29 20.26 -10.96
CA ASP B 200 30.86 20.28 -12.31
C ASP B 200 31.11 18.83 -12.71
N ILE B 201 30.33 18.34 -13.67
CA ILE B 201 30.31 16.91 -13.96
C ILE B 201 31.67 16.42 -14.42
N GLU B 202 32.32 17.18 -15.32
CA GLU B 202 33.59 16.71 -15.88
C GLU B 202 34.61 16.44 -14.79
N THR B 203 34.82 17.41 -13.91
CA THR B 203 35.71 17.19 -12.77
C THR B 203 35.05 16.39 -11.67
N GLY B 204 33.72 16.44 -11.57
CA GLY B 204 33.00 15.70 -10.56
C GLY B 204 33.30 16.17 -9.16
N GLN B 205 33.45 17.49 -9.00
CA GLN B 205 33.66 18.11 -7.69
C GLN B 205 32.68 19.26 -7.54
N GLN B 206 32.35 19.57 -6.29
CA GLN B 206 31.48 20.70 -6.01
C GLN B 206 32.19 22.00 -6.33
N THR B 207 31.44 22.96 -6.88
CA THR B 207 31.97 24.29 -7.14
C THR B 207 31.55 25.29 -6.08
N THR B 208 30.31 25.22 -5.62
CA THR B 208 29.82 26.08 -4.56
C THR B 208 28.84 25.30 -3.70
N THR B 209 28.72 25.69 -2.44
CA THR B 209 27.81 25.06 -1.49
C THR B 209 26.92 26.13 -0.87
N PHE B 210 25.62 25.86 -0.85
CA PHE B 210 24.63 26.80 -0.33
C PHE B 210 24.16 26.30 1.03
N THR B 211 24.27 27.17 2.04
CA THR B 211 23.96 26.79 3.41
C THR B 211 23.13 27.87 4.07
N GLY B 212 22.37 27.47 5.10
CA GLY B 212 21.52 28.40 5.83
C GLY B 212 20.22 27.78 6.28
N HIS B 213 19.80 26.70 5.62
CA HIS B 213 18.64 25.96 6.10
C HIS B 213 18.99 25.19 7.36
N THR B 214 17.99 25.02 8.23
CA THR B 214 18.18 24.29 9.47
C THR B 214 17.70 22.85 9.40
N GLY B 215 16.70 22.54 8.58
CA GLY B 215 16.22 21.19 8.38
C GLY B 215 16.54 20.67 7.00
N ASP B 216 16.14 19.43 6.76
CA ASP B 216 16.36 18.80 5.47
C ASP B 216 15.71 19.60 4.36
N VAL B 217 16.43 19.74 3.25
CA VAL B 217 15.88 20.37 2.05
C VAL B 217 15.19 19.29 1.23
N MET B 218 13.91 19.51 0.92
CA MET B 218 13.09 18.51 0.26
C MET B 218 12.84 18.78 -1.21
N SER B 219 12.90 20.04 -1.65
CA SER B 219 12.59 20.36 -3.03
C SER B 219 13.36 21.60 -3.47
N LEU B 220 13.50 21.73 -4.78
CA LEU B 220 14.12 22.91 -5.38
C LEU B 220 13.64 23.02 -6.82
N SER B 221 13.78 24.22 -7.38
CA SER B 221 13.35 24.48 -8.75
C SER B 221 14.14 25.66 -9.31
N LEU B 222 14.42 25.59 -10.61
CA LEU B 222 15.28 26.57 -11.27
C LEU B 222 14.44 27.62 -11.97
N ALA B 223 14.86 28.87 -11.89
CA ALA B 223 14.16 29.95 -12.56
C ALA B 223 14.32 29.81 -14.07
N PRO B 224 13.36 30.32 -14.85
CA PRO B 224 13.51 30.25 -16.31
C PRO B 224 14.76 30.93 -16.83
N ASP B 225 15.18 32.04 -16.21
CA ASP B 225 16.38 32.75 -16.62
C ASP B 225 17.65 31.97 -16.33
N THR B 226 17.58 30.92 -15.50
CA THR B 226 18.74 30.08 -15.22
C THR B 226 19.73 30.79 -14.31
N ARG B 227 19.40 31.98 -13.83
CA ARG B 227 20.29 32.75 -12.97
C ARG B 227 19.91 32.69 -11.50
N LEU B 228 18.79 32.06 -11.15
CA LEU B 228 18.36 31.95 -9.76
C LEU B 228 17.59 30.66 -9.57
N PHE B 229 17.47 30.24 -8.31
CA PHE B 229 16.69 29.07 -7.96
C PHE B 229 16.31 29.15 -6.48
N VAL B 230 15.26 28.41 -6.12
CA VAL B 230 14.71 28.43 -4.77
C VAL B 230 14.63 27.01 -4.25
N SER B 231 14.51 26.89 -2.92
CA SER B 231 14.40 25.59 -2.27
C SER B 231 13.53 25.72 -1.03
N GLY B 232 12.98 24.59 -0.60
CA GLY B 232 12.21 24.53 0.63
C GLY B 232 12.66 23.36 1.46
N ALA B 233 12.64 23.56 2.78
CA ALA B 233 13.21 22.60 3.71
C ALA B 233 12.21 22.31 4.83
N CYS B 234 12.57 21.35 5.69
CA CYS B 234 11.74 20.95 6.81
C CYS B 234 11.91 21.92 7.98
N ASP B 235 11.75 23.22 7.71
CA ASP B 235 11.75 24.21 8.78
C ASP B 235 10.72 25.31 8.54
N ALA B 236 9.78 25.09 7.61
CA ALA B 236 8.73 26.06 7.28
C ALA B 236 9.28 27.33 6.64
N SER B 237 10.40 27.25 5.94
CA SER B 237 11.02 28.39 5.31
C SER B 237 11.51 28.04 3.91
N ALA B 238 11.45 29.02 3.02
CA ALA B 238 11.96 28.89 1.66
C ALA B 238 12.94 30.02 1.39
N LYS B 239 14.01 29.71 0.65
CA LYS B 239 15.10 30.65 0.43
C LYS B 239 15.40 30.79 -1.05
N LEU B 240 15.80 32.00 -1.45
CA LEU B 240 16.18 32.30 -2.82
C LEU B 240 17.69 32.40 -2.91
N TRP B 241 18.29 31.67 -3.85
CA TRP B 241 19.73 31.57 -3.98
C TRP B 241 20.19 32.13 -5.32
N ASP B 242 21.40 32.66 -5.34
CA ASP B 242 22.06 33.13 -6.55
C ASP B 242 23.15 32.14 -6.91
N VAL B 243 23.06 31.56 -8.11
CA VAL B 243 23.96 30.48 -8.50
C VAL B 243 25.40 30.96 -8.60
N ARG B 244 25.63 32.23 -8.96
CA ARG B 244 26.98 32.74 -9.13
C ARG B 244 27.57 33.27 -7.83
N GLU B 245 26.80 34.06 -7.08
CA GLU B 245 27.31 34.63 -5.84
C GLU B 245 27.41 33.59 -4.74
N GLY B 246 26.53 32.59 -4.74
CA GLY B 246 26.54 31.60 -3.69
C GLY B 246 26.12 32.12 -2.33
N MET B 247 25.10 32.97 -2.29
CA MET B 247 24.62 33.53 -1.03
C MET B 247 23.10 33.61 -1.07
N CYS B 248 22.50 33.73 0.11
CA CYS B 248 21.05 33.79 0.23
C CYS B 248 20.59 35.24 0.07
N ARG B 249 19.89 35.52 -1.02
CA ARG B 249 19.42 36.88 -1.27
C ARG B 249 18.19 37.22 -0.43
N GLN B 250 17.33 36.23 -0.16
CA GLN B 250 16.07 36.50 0.52
C GLN B 250 15.61 35.24 1.23
N THR B 251 14.70 35.42 2.19
CA THR B 251 14.10 34.32 2.94
C THR B 251 12.61 34.57 3.08
N PHE B 252 11.83 33.49 3.09
CA PHE B 252 10.38 33.57 3.16
C PHE B 252 9.86 32.61 4.22
N THR B 253 8.78 33.01 4.89
CA THR B 253 8.16 32.21 5.92
C THR B 253 6.66 32.45 5.91
N GLY B 254 5.93 31.61 6.64
CA GLY B 254 4.49 31.69 6.68
C GLY B 254 3.80 30.34 6.79
N HIS B 255 4.51 29.27 6.46
CA HIS B 255 3.99 27.93 6.66
C HIS B 255 4.16 27.51 8.12
N GLU B 256 3.46 26.43 8.48
CA GLU B 256 3.47 25.94 9.85
C GLU B 256 4.22 24.63 10.03
N SER B 257 4.47 23.88 8.96
CA SER B 257 5.14 22.59 9.05
C SER B 257 6.11 22.46 7.88
N ASP B 258 6.62 21.24 7.68
CA ASP B 258 7.65 21.02 6.67
C ASP B 258 7.08 21.25 5.27
N ILE B 259 7.88 21.90 4.42
CA ILE B 259 7.51 22.14 3.03
C ILE B 259 8.00 20.97 2.19
N ASN B 260 7.11 20.42 1.36
CA ASN B 260 7.40 19.23 0.59
C ASN B 260 7.66 19.50 -0.89
N ALA B 261 7.16 20.59 -1.44
CA ALA B 261 7.30 20.85 -2.86
C ALA B 261 7.36 22.36 -3.11
N ILE B 262 7.96 22.72 -4.25
CA ILE B 262 8.12 24.12 -4.64
C ILE B 262 8.30 24.17 -6.15
N CYS B 263 7.83 25.27 -6.76
CA CYS B 263 7.92 25.43 -8.20
C CYS B 263 7.88 26.92 -8.54
N PHE B 264 8.52 27.27 -9.65
CA PHE B 264 8.60 28.65 -10.09
C PHE B 264 7.38 29.03 -10.93
N PHE B 265 6.94 30.28 -10.78
CA PHE B 265 5.90 30.81 -11.63
C PHE B 265 6.46 31.02 -13.04
N PRO B 266 5.62 30.87 -14.08
CA PRO B 266 6.17 30.96 -15.45
C PRO B 266 6.89 32.26 -15.73
N ASN B 267 6.44 33.38 -15.16
CA ASN B 267 7.07 34.66 -15.39
C ASN B 267 8.43 34.78 -14.72
N GLY B 268 8.74 33.92 -13.75
CA GLY B 268 9.98 33.99 -13.02
C GLY B 268 10.00 34.95 -11.85
N ASN B 269 8.84 35.51 -11.48
CA ASN B 269 8.75 36.48 -10.40
C ASN B 269 7.95 35.97 -9.20
N ALA B 270 7.64 34.68 -9.14
CA ALA B 270 6.84 34.14 -8.06
C ALA B 270 7.06 32.64 -7.97
N PHE B 271 6.49 32.04 -6.92
CA PHE B 271 6.59 30.60 -6.71
C PHE B 271 5.54 30.17 -5.69
N ALA B 272 5.33 28.86 -5.62
CA ALA B 272 4.36 28.27 -4.71
C ALA B 272 4.99 27.11 -3.95
N THR B 273 4.44 26.80 -2.79
CA THR B 273 4.95 25.72 -1.94
C THR B 273 3.79 24.95 -1.32
N GLY B 274 4.03 23.69 -1.05
CA GLY B 274 3.06 22.85 -0.36
C GLY B 274 3.68 22.17 0.83
N SER B 275 2.94 22.11 1.93
CA SER B 275 3.48 21.66 3.20
C SER B 275 2.51 20.69 3.86
N ASP B 276 2.97 20.06 4.94
CA ASP B 276 2.16 19.09 5.67
C ASP B 276 0.95 19.72 6.34
N ASP B 277 0.93 21.03 6.54
CA ASP B 277 -0.24 21.67 7.14
C ASP B 277 -1.44 21.70 6.20
N ALA B 278 -1.34 21.07 5.03
CA ALA B 278 -2.48 20.93 4.11
C ALA B 278 -2.90 22.27 3.54
N THR B 279 -1.91 23.06 3.12
CA THR B 279 -2.17 24.35 2.48
C THR B 279 -1.11 24.63 1.45
N CYS B 280 -1.44 25.51 0.50
CA CYS B 280 -0.51 26.01 -0.49
C CYS B 280 -0.51 27.53 -0.44
N ARG B 281 0.68 28.12 -0.59
CA ARG B 281 0.87 29.55 -0.49
C ARG B 281 1.68 30.05 -1.69
N LEU B 282 1.41 31.29 -2.09
CA LEU B 282 2.08 31.92 -3.21
C LEU B 282 2.84 33.14 -2.71
N PHE B 283 4.06 33.34 -3.23
CA PHE B 283 4.93 34.42 -2.80
C PHE B 283 5.37 35.24 -4.02
N ASP B 284 5.67 36.51 -3.76
CA ASP B 284 6.17 37.42 -4.78
C ASP B 284 7.56 37.91 -4.37
N LEU B 285 8.51 37.83 -5.29
CA LEU B 285 9.89 38.22 -4.97
C LEU B 285 10.00 39.71 -4.69
N ARG B 286 9.28 40.54 -5.44
CA ARG B 286 9.38 41.99 -5.25
C ARG B 286 8.73 42.44 -3.94
N ALA B 287 7.53 41.94 -3.65
CA ALA B 287 6.82 42.36 -2.44
C ALA B 287 7.37 41.72 -1.17
N ASP B 288 8.12 40.62 -1.29
CA ASP B 288 8.70 39.95 -0.14
C ASP B 288 7.63 39.60 0.90
N GLN B 289 6.50 39.10 0.42
CA GLN B 289 5.41 38.72 1.29
C GLN B 289 4.53 37.70 0.58
N GLU B 290 3.72 36.99 1.37
CA GLU B 290 2.77 36.04 0.80
C GLU B 290 1.62 36.79 0.15
N LEU B 291 1.20 36.32 -1.03
CA LEU B 291 0.12 36.95 -1.77
C LEU B 291 -1.22 36.27 -1.56
N MET B 292 -1.27 34.94 -1.69
CA MET B 292 -2.51 34.20 -1.54
C MET B 292 -2.21 32.83 -0.96
N THR B 293 -3.23 32.24 -0.34
CA THR B 293 -3.15 30.90 0.22
C THR B 293 -4.34 30.08 -0.24
N TYR B 294 -4.11 28.82 -0.58
CA TYR B 294 -5.14 27.93 -1.08
C TYR B 294 -5.31 26.78 -0.08
N SER B 295 -6.42 26.79 0.64
CA SER B 295 -6.70 25.75 1.62
C SER B 295 -8.21 25.61 1.77
N HIS B 296 -8.62 24.43 2.25
CA HIS B 296 -10.02 24.15 2.47
C HIS B 296 -10.15 23.31 3.74
N ASP B 297 -11.24 23.57 4.48
CA ASP B 297 -11.40 22.94 5.79
C ASP B 297 -11.75 21.46 5.70
N ASN B 298 -12.08 20.95 4.52
CA ASN B 298 -12.46 19.57 4.36
C ASN B 298 -11.27 18.65 4.10
N ILE B 299 -10.06 19.19 4.03
CA ILE B 299 -8.86 18.39 3.75
C ILE B 299 -7.87 18.59 4.88
N ILE B 300 -7.38 17.47 5.42
CA ILE B 300 -6.47 17.50 6.56
C ILE B 300 -5.24 16.65 6.26
N CYS B 301 -4.92 16.49 4.98
CA CYS B 301 -3.77 15.70 4.56
C CYS B 301 -2.77 16.61 3.83
N GLY B 302 -1.49 16.30 3.99
CA GLY B 302 -0.46 17.15 3.45
C GLY B 302 -0.36 17.05 1.94
N ILE B 303 0.43 17.96 1.36
CA ILE B 303 0.64 18.00 -0.08
C ILE B 303 1.95 17.33 -0.41
N THR B 304 2.04 16.75 -1.60
CA THR B 304 3.25 16.06 -2.05
C THR B 304 3.90 16.69 -3.28
N SER B 305 3.17 17.50 -4.04
CA SER B 305 3.73 18.08 -5.26
C SER B 305 2.88 19.27 -5.70
N VAL B 306 3.48 20.14 -6.51
CA VAL B 306 2.80 21.30 -7.06
C VAL B 306 3.38 21.62 -8.42
N SER B 307 2.57 22.23 -9.28
CA SER B 307 3.00 22.61 -10.61
C SER B 307 2.05 23.65 -11.18
N PHE B 308 2.53 24.37 -12.19
CA PHE B 308 1.76 25.40 -12.88
C PHE B 308 1.45 24.95 -14.31
N SER B 309 0.53 25.67 -14.94
CA SER B 309 0.21 25.44 -16.34
C SER B 309 0.96 26.43 -17.23
N LYS B 310 0.70 26.34 -18.53
CA LYS B 310 1.45 27.13 -19.51
C LYS B 310 1.38 28.62 -19.22
N SER B 311 0.16 29.15 -19.06
CA SER B 311 -0.04 30.57 -18.83
C SER B 311 -0.03 30.94 -17.36
N GLY B 312 0.20 29.98 -16.47
CA GLY B 312 0.23 30.26 -15.04
C GLY B 312 -1.12 30.51 -14.41
N ARG B 313 -2.22 30.11 -15.06
CA ARG B 313 -3.54 30.36 -14.50
C ARG B 313 -3.98 29.23 -13.57
N LEU B 314 -3.48 28.01 -13.78
CA LEU B 314 -3.89 26.86 -13.00
C LEU B 314 -2.70 26.34 -12.19
N LEU B 315 -2.92 26.12 -10.91
CA LEU B 315 -1.95 25.49 -10.03
C LEU B 315 -2.46 24.11 -9.63
N LEU B 316 -1.66 23.08 -9.88
CA LEU B 316 -2.05 21.70 -9.64
C LEU B 316 -1.26 21.17 -8.45
N ALA B 317 -1.95 20.49 -7.54
CA ALA B 317 -1.34 19.97 -6.33
C ALA B 317 -1.71 18.50 -6.15
N GLY B 318 -0.78 17.74 -5.60
CA GLY B 318 -0.98 16.31 -5.31
C GLY B 318 -1.04 16.10 -3.81
N TYR B 319 -2.07 15.39 -3.35
CA TYR B 319 -2.36 15.24 -1.93
C TYR B 319 -2.20 13.79 -1.51
N ASP B 320 -2.08 13.59 -0.20
CA ASP B 320 -1.92 12.24 0.34
C ASP B 320 -3.25 11.49 0.42
N ASP B 321 -4.36 12.11 0.03
CA ASP B 321 -5.66 11.47 0.07
C ASP B 321 -5.97 10.76 -1.26
N PHE B 322 -4.92 10.44 -2.02
CA PHE B 322 -5.03 9.66 -3.25
C PHE B 322 -5.68 10.45 -4.38
N ASN B 323 -5.55 11.78 -4.37
CA ASN B 323 -6.21 12.61 -5.38
C ASN B 323 -5.41 13.87 -5.60
N CYS B 324 -5.69 14.53 -6.72
CA CYS B 324 -5.10 15.82 -7.07
C CYS B 324 -6.21 16.83 -7.31
N ASN B 325 -5.96 18.08 -6.95
CA ASN B 325 -6.92 19.15 -7.11
C ASN B 325 -6.35 20.24 -8.00
N VAL B 326 -7.24 21.00 -8.63
CA VAL B 326 -6.88 22.08 -9.54
C VAL B 326 -7.37 23.39 -8.91
N TRP B 327 -6.47 24.37 -8.82
CA TRP B 327 -6.76 25.65 -8.19
C TRP B 327 -6.70 26.76 -9.23
N ASP B 328 -7.55 27.76 -9.08
CA ASP B 328 -7.44 28.99 -9.86
C ASP B 328 -6.40 29.88 -9.20
N ALA B 329 -5.26 30.06 -9.86
CA ALA B 329 -4.14 30.75 -9.23
C ALA B 329 -4.49 32.17 -8.77
N LEU B 330 -5.43 32.82 -9.44
CA LEU B 330 -5.82 34.18 -9.06
C LEU B 330 -7.02 34.20 -8.11
N LYS B 331 -8.14 33.64 -8.56
CA LYS B 331 -9.36 33.68 -7.75
C LYS B 331 -9.23 32.87 -6.46
N ALA B 332 -8.29 31.92 -6.41
CA ALA B 332 -8.09 31.07 -5.24
C ALA B 332 -9.35 30.26 -4.93
N ASP B 333 -9.76 29.47 -5.92
CA ASP B 333 -10.91 28.57 -5.79
C ASP B 333 -10.59 27.26 -6.48
N ARG B 334 -11.17 26.18 -5.96
CA ARG B 334 -10.91 24.83 -6.45
C ARG B 334 -11.79 24.58 -7.67
N ALA B 335 -11.16 24.45 -8.84
CA ALA B 335 -11.90 24.37 -10.10
C ALA B 335 -12.10 22.95 -10.62
N GLY B 336 -11.28 21.99 -10.19
CA GLY B 336 -11.41 20.64 -10.70
C GLY B 336 -10.63 19.67 -9.83
N VAL B 337 -10.79 18.38 -10.15
CA VAL B 337 -10.16 17.30 -9.42
C VAL B 337 -9.77 16.20 -10.40
N LEU B 338 -8.66 15.53 -10.12
CA LEU B 338 -8.23 14.34 -10.84
C LEU B 338 -8.23 13.16 -9.88
N ALA B 339 -8.96 12.10 -10.23
CA ALA B 339 -9.07 10.92 -9.39
C ALA B 339 -8.85 9.67 -10.24
N GLY B 340 -8.43 8.59 -9.59
CA GLY B 340 -8.17 7.34 -10.29
C GLY B 340 -7.01 6.55 -9.74
N HIS B 341 -6.26 7.14 -8.80
CA HIS B 341 -5.16 6.45 -8.15
C HIS B 341 -5.63 5.77 -6.88
N ASP B 342 -5.09 4.58 -6.62
CA ASP B 342 -5.46 3.77 -5.46
C ASP B 342 -4.49 3.92 -4.31
N ASN B 343 -3.56 4.87 -4.38
CA ASN B 343 -2.62 5.11 -3.30
C ASN B 343 -2.13 6.55 -3.43
N ARG B 344 -1.35 6.99 -2.44
CA ARG B 344 -0.94 8.39 -2.40
C ARG B 344 -0.13 8.75 -3.63
N VAL B 345 -0.46 9.89 -4.22
CA VAL B 345 0.27 10.39 -5.39
C VAL B 345 1.56 11.04 -4.92
N SER B 346 2.68 10.68 -5.56
CA SER B 346 4.00 11.09 -5.11
C SER B 346 4.68 12.09 -6.02
N CYS B 347 4.17 12.32 -7.23
CA CYS B 347 4.85 13.22 -8.16
C CYS B 347 3.84 13.79 -9.14
N LEU B 348 4.25 14.88 -9.79
CA LEU B 348 3.43 15.59 -10.76
C LEU B 348 4.35 16.22 -11.79
N GLY B 349 3.76 16.64 -12.92
CA GLY B 349 4.54 17.28 -13.96
C GLY B 349 3.70 17.78 -15.12
N VAL B 350 3.97 19.01 -15.56
CA VAL B 350 3.30 19.61 -16.70
C VAL B 350 4.32 19.79 -17.81
N THR B 351 3.98 19.33 -19.02
CA THR B 351 4.92 19.34 -20.12
C THR B 351 5.24 20.78 -20.55
N ASP B 352 6.49 20.98 -20.99
CA ASP B 352 6.92 22.31 -21.41
C ASP B 352 6.03 22.86 -22.51
N ASP B 353 5.46 21.99 -23.34
CA ASP B 353 4.48 22.41 -24.34
C ASP B 353 3.17 22.84 -23.70
N GLY B 354 2.81 22.26 -22.55
CA GLY B 354 1.55 22.55 -21.90
C GLY B 354 0.38 21.72 -22.40
N MET B 355 0.63 20.69 -23.20
CA MET B 355 -0.47 19.92 -23.78
C MET B 355 -0.98 18.81 -22.86
N ALA B 356 -0.23 18.44 -21.83
CA ALA B 356 -0.61 17.28 -21.03
C ALA B 356 0.01 17.36 -19.65
N VAL B 357 -0.51 16.53 -18.75
CA VAL B 357 -0.04 16.42 -17.37
C VAL B 357 0.10 14.95 -17.03
N ALA B 358 1.12 14.61 -16.25
CA ALA B 358 1.37 13.25 -15.81
C ALA B 358 1.40 13.20 -14.29
N THR B 359 1.09 12.02 -13.74
CA THR B 359 1.08 11.81 -12.30
C THR B 359 1.59 10.42 -11.99
N GLY B 360 2.14 10.27 -10.79
CA GLY B 360 2.59 8.99 -10.30
C GLY B 360 2.08 8.74 -8.90
N SER B 361 2.04 7.46 -8.53
CA SER B 361 1.47 7.07 -7.25
C SER B 361 2.19 5.86 -6.71
N TRP B 362 1.94 5.57 -5.44
CA TRP B 362 2.46 4.37 -4.80
C TRP B 362 1.76 3.11 -5.28
N ASP B 363 0.71 3.25 -6.10
CA ASP B 363 0.07 2.11 -6.75
C ASP B 363 0.94 1.50 -7.85
N SER B 364 2.06 2.14 -8.20
CA SER B 364 2.99 1.64 -9.20
C SER B 364 2.46 1.84 -10.63
N PHE B 365 1.70 2.90 -10.86
CA PHE B 365 1.21 3.23 -12.19
C PHE B 365 1.42 4.72 -12.47
N LEU B 366 1.61 5.03 -13.76
CA LEU B 366 1.69 6.40 -14.24
C LEU B 366 0.53 6.66 -15.19
N LYS B 367 -0.05 7.85 -15.10
CA LYS B 367 -1.22 8.21 -15.90
C LYS B 367 -1.01 9.58 -16.51
N ILE B 368 -1.58 9.79 -17.69
CA ILE B 368 -1.45 11.03 -18.44
C ILE B 368 -2.84 11.62 -18.63
N TRP B 369 -2.99 12.91 -18.32
CA TRP B 369 -4.27 13.60 -18.33
C TRP B 369 -4.24 14.71 -19.38
N ASN B 370 -5.39 14.96 -19.98
CA ASN B 370 -5.51 15.97 -21.02
C ASN B 370 -6.98 16.20 -21.36
N ARG C 13 26.02 34.93 15.44
CA ARG C 13 26.71 35.96 14.61
C ARG C 13 26.25 35.87 13.15
N LYS C 14 26.16 34.66 12.63
CA LYS C 14 25.71 34.46 11.25
C LYS C 14 24.27 34.91 11.06
N LEU C 15 23.41 34.64 12.04
CA LEU C 15 22.00 35.01 11.91
C LEU C 15 21.84 36.52 11.77
N VAL C 16 22.56 37.29 12.59
CA VAL C 16 22.48 38.74 12.51
C VAL C 16 23.02 39.23 11.17
N GLU C 17 24.12 38.63 10.70
CA GLU C 17 24.68 39.03 9.42
C GLU C 17 23.69 38.79 8.29
N GLN C 18 23.01 37.64 8.30
CA GLN C 18 22.02 37.35 7.26
C GLN C 18 20.82 38.28 7.36
N LEU C 19 20.35 38.57 8.59
CA LEU C 19 19.24 39.50 8.75
C LEU C 19 19.62 40.89 8.26
N LYS C 20 20.89 41.27 8.38
CA LYS C 20 21.33 42.57 7.90
C LYS C 20 21.11 42.70 6.39
N MET C 21 21.43 41.66 5.63
CA MET C 21 21.17 41.68 4.20
C MET C 21 19.69 41.54 3.89
N GLU C 22 18.97 40.77 4.71
CA GLU C 22 17.54 40.56 4.47
C GLU C 22 16.74 41.86 4.66
N ALA C 23 17.16 42.70 5.60
CA ALA C 23 16.42 43.93 5.89
C ALA C 23 16.71 45.05 4.90
N ASN C 24 17.68 44.87 4.00
CA ASN C 24 18.05 45.92 3.06
C ASN C 24 17.31 45.83 1.74
N ILE C 25 16.38 44.89 1.58
CA ILE C 25 15.69 44.72 0.31
C ILE C 25 14.85 45.95 0.01
N ASP C 26 14.81 46.33 -1.26
CA ASP C 26 13.97 47.44 -1.72
C ASP C 26 12.58 46.92 -2.09
N ARG C 27 11.77 46.72 -1.06
CA ARG C 27 10.44 46.17 -1.25
C ARG C 27 9.58 47.11 -2.10
N ILE C 28 8.60 46.53 -2.79
CA ILE C 28 7.71 47.27 -3.68
C ILE C 28 6.28 47.07 -3.21
N LYS C 29 5.42 48.03 -3.52
CA LYS C 29 4.02 47.95 -3.12
C LYS C 29 3.39 46.68 -3.67
N VAL C 30 2.57 46.02 -2.86
CA VAL C 30 1.97 44.74 -3.25
C VAL C 30 0.99 44.92 -4.39
N SER C 31 0.43 46.11 -4.59
CA SER C 31 -0.54 46.31 -5.65
C SER C 31 0.09 46.09 -7.02
N LYS C 32 1.30 46.61 -7.24
CA LYS C 32 1.97 46.40 -8.51
C LYS C 32 2.27 44.93 -8.74
N ALA C 33 2.72 44.22 -7.70
CA ALA C 33 2.98 42.80 -7.83
C ALA C 33 1.72 42.03 -8.20
N ALA C 34 0.60 42.38 -7.56
CA ALA C 34 -0.67 41.72 -7.89
C ALA C 34 -1.07 42.01 -9.34
N ALA C 35 -0.88 43.26 -9.77
CA ALA C 35 -1.28 43.63 -11.13
C ALA C 35 -0.42 42.93 -12.18
N ASP C 36 0.85 42.71 -11.88
CA ASP C 36 1.75 42.10 -12.86
C ASP C 36 1.31 40.67 -13.21
N LEU C 37 0.92 39.89 -12.21
CA LEU C 37 0.47 38.52 -12.47
C LEU C 37 -0.76 38.52 -13.37
N MET C 38 -1.73 39.38 -13.09
CA MET C 38 -2.92 39.46 -13.93
C MET C 38 -2.55 39.88 -15.34
N ALA C 39 -1.66 40.86 -15.47
CA ALA C 39 -1.27 41.33 -16.80
C ALA C 39 -0.64 40.21 -17.60
N TYR C 40 0.23 39.41 -16.97
CA TYR C 40 0.86 38.31 -17.68
C TYR C 40 -0.16 37.24 -18.05
N CYS C 41 -1.01 36.84 -17.10
CA CYS C 41 -1.91 35.73 -17.33
C CYS C 41 -2.96 36.07 -18.37
N GLU C 42 -3.55 37.26 -18.29
CA GLU C 42 -4.57 37.64 -19.25
C GLU C 42 -4.02 37.68 -20.68
N ALA C 43 -2.78 38.10 -20.85
CA ALA C 43 -2.18 38.14 -22.19
C ALA C 43 -1.84 36.74 -22.67
N HIS C 44 -1.35 35.87 -21.78
CA HIS C 44 -0.89 34.56 -22.20
C HIS C 44 -1.99 33.50 -22.18
N ALA C 45 -3.20 33.84 -21.74
CA ALA C 45 -4.27 32.84 -21.70
C ALA C 45 -4.71 32.41 -23.09
N LYS C 46 -4.30 33.12 -24.14
CA LYS C 46 -4.73 32.77 -25.48
C LYS C 46 -3.99 31.57 -26.06
N GLU C 47 -2.90 31.13 -25.41
CA GLU C 47 -2.09 30.03 -25.90
C GLU C 47 -1.99 28.88 -24.92
N ASP C 48 -2.87 28.83 -23.92
CA ASP C 48 -2.86 27.78 -22.91
C ASP C 48 -3.90 26.73 -23.28
N PRO C 49 -3.51 25.52 -23.68
CA PRO C 49 -4.52 24.51 -24.03
C PRO C 49 -5.45 24.15 -22.89
N LEU C 50 -4.96 24.12 -21.65
CA LEU C 50 -5.77 23.69 -20.53
C LEU C 50 -6.61 24.85 -20.00
N GLN D 1 6.63 33.59 11.47
CA GLN D 1 7.44 32.41 11.87
C GLN D 1 6.85 31.77 13.13
N VAL D 2 7.08 30.47 13.28
CA VAL D 2 6.64 29.76 14.48
C VAL D 2 7.60 30.05 15.62
N GLN D 3 7.07 30.48 16.76
CA GLN D 3 7.87 30.94 17.87
C GLN D 3 7.41 30.29 19.17
N LEU D 4 8.38 29.91 20.00
CA LEU D 4 8.13 29.41 21.34
C LEU D 4 9.07 30.11 22.31
N GLN D 5 8.51 30.62 23.41
CA GLN D 5 9.28 31.40 24.38
C GLN D 5 8.92 30.92 25.79
N GLU D 6 9.89 30.32 26.47
CA GLU D 6 9.68 29.84 27.82
C GLU D 6 10.17 30.86 28.84
N SER D 7 9.62 30.76 30.05
CA SER D 7 10.03 31.63 31.15
C SER D 7 9.75 30.92 32.46
N GLY D 8 10.42 31.39 33.52
CA GLY D 8 10.26 30.82 34.84
C GLY D 8 11.47 30.01 35.27
N LEU D 18 7.66 26.04 41.61
CA LEU D 18 7.82 26.77 40.35
C LEU D 18 6.74 26.38 39.36
N ARG D 19 6.37 27.31 38.48
CA ARG D 19 5.40 27.07 37.43
C ARG D 19 5.95 27.62 36.13
N LEU D 20 6.47 26.74 35.28
CA LEU D 20 7.02 27.14 34.00
C LEU D 20 5.91 27.49 33.02
N SER D 21 6.19 28.45 32.15
CA SER D 21 5.26 28.88 31.11
C SER D 21 5.92 28.80 29.75
N CYS D 22 5.10 28.59 28.72
CA CYS D 22 5.57 28.51 27.34
C CYS D 22 4.52 29.15 26.45
N ALA D 23 4.77 30.37 26.02
CA ALA D 23 3.87 31.05 25.09
C ALA D 23 4.21 30.65 23.66
N ALA D 24 3.16 30.54 22.84
CA ALA D 24 3.31 30.08 21.47
C ALA D 24 2.64 31.07 20.52
N SER D 25 3.12 31.08 19.27
CA SER D 25 2.56 31.94 18.25
C SER D 25 2.92 31.38 16.87
N GLY D 26 2.21 31.86 15.86
CA GLY D 26 2.49 31.50 14.49
C GLY D 26 1.77 30.28 13.97
N PHE D 27 0.97 29.60 14.80
CA PHE D 27 0.24 28.43 14.36
C PHE D 27 -0.96 28.22 15.26
N THR D 28 -1.88 27.39 14.81
CA THR D 28 -3.08 27.05 15.58
C THR D 28 -2.67 26.13 16.72
N PHE D 29 -2.63 26.67 17.94
CA PHE D 29 -2.11 25.91 19.07
C PHE D 29 -2.98 24.71 19.38
N SER D 30 -4.26 24.73 18.96
CA SER D 30 -5.19 23.68 19.36
C SER D 30 -5.05 22.41 18.53
N ASN D 31 -4.20 22.41 17.50
CA ASN D 31 -4.10 21.27 16.60
C ASN D 31 -2.93 20.35 16.91
N TYR D 32 -1.94 20.80 17.66
CA TYR D 32 -0.68 20.09 17.80
C TYR D 32 -0.52 19.53 19.21
N LYS D 33 0.09 18.36 19.29
CA LYS D 33 0.50 17.79 20.57
C LYS D 33 1.75 18.51 21.07
N MET D 34 1.93 18.53 22.39
CA MET D 34 3.00 19.28 23.03
C MET D 34 3.80 18.39 23.96
N ASN D 35 5.05 18.80 24.22
CA ASN D 35 5.99 18.02 25.02
C ASN D 35 6.84 18.94 25.88
N TRP D 36 7.45 18.37 26.91
CA TRP D 36 8.49 19.03 27.70
C TRP D 36 9.77 18.21 27.63
N VAL D 37 10.89 18.89 27.41
CA VAL D 37 12.19 18.25 27.26
C VAL D 37 13.19 18.96 28.17
N ARG D 38 14.10 18.19 28.75
CA ARG D 38 15.11 18.70 29.67
C ARG D 38 16.49 18.26 29.20
N GLN D 39 17.51 19.03 29.59
CA GLN D 39 18.90 18.70 29.27
C GLN D 39 19.75 19.03 30.48
N ALA D 40 20.05 18.02 31.29
CA ALA D 40 20.92 18.22 32.43
C ALA D 40 22.34 18.52 31.95
N PRO D 41 23.12 19.28 32.74
CA PRO D 41 24.49 19.58 32.31
C PRO D 41 25.29 18.30 32.07
N GLY D 42 26.03 18.30 30.96
CA GLY D 42 26.84 17.15 30.61
C GLY D 42 26.07 15.93 30.13
N LYS D 43 24.85 16.11 29.64
CA LYS D 43 24.03 14.99 29.18
C LYS D 43 23.14 15.45 28.04
N GLY D 44 22.62 14.48 27.29
CA GLY D 44 21.77 14.78 26.17
C GLY D 44 20.33 15.05 26.58
N LEU D 45 19.54 15.45 25.58
CA LEU D 45 18.14 15.78 25.84
C LEU D 45 17.37 14.53 26.28
N GLU D 46 16.42 14.72 27.18
CA GLU D 46 15.58 13.63 27.68
C GLU D 46 14.13 14.07 27.66
N TRP D 47 13.23 13.11 27.42
CA TRP D 47 11.81 13.39 27.37
C TRP D 47 11.23 13.38 28.78
N VAL D 48 10.36 14.34 29.06
CA VAL D 48 9.76 14.49 30.39
C VAL D 48 8.27 14.18 30.37
N SER D 49 7.48 14.93 29.59
CA SER D 49 6.04 14.75 29.59
C SER D 49 5.48 15.28 28.27
N ASP D 50 4.25 14.86 27.98
CA ASP D 50 3.53 15.33 26.81
C ASP D 50 2.04 15.38 27.13
N ILE D 51 1.33 16.24 26.41
CA ILE D 51 -0.10 16.43 26.60
C ILE D 51 -0.78 16.42 25.24
N SER D 52 -1.89 15.69 25.15
CA SER D 52 -2.60 15.56 23.88
C SER D 52 -3.19 16.91 23.45
N GLN D 53 -3.83 16.90 22.28
CA GLN D 53 -4.37 18.14 21.73
C GLN D 53 -5.44 18.73 22.64
N SER D 54 -6.36 17.89 23.12
CA SER D 54 -7.44 18.36 24.00
C SER D 54 -7.08 18.27 25.48
N GLY D 55 -5.93 17.70 25.82
CA GLY D 55 -5.56 17.52 27.20
C GLY D 55 -6.19 16.33 27.88
N ALA D 56 -6.96 15.52 27.15
CA ALA D 56 -7.61 14.36 27.76
C ALA D 56 -6.66 13.18 27.96
N SER D 57 -5.47 13.22 27.36
CA SER D 57 -4.47 12.18 27.57
C SER D 57 -3.17 12.83 28.00
N ILE D 58 -2.53 12.25 29.01
CA ILE D 58 -1.32 12.81 29.60
C ILE D 58 -0.38 11.68 29.95
N SER D 59 0.92 11.96 29.91
CA SER D 59 1.92 10.96 30.24
C SER D 59 3.14 11.64 30.84
N TYR D 60 3.86 10.90 31.68
CA TYR D 60 5.06 11.38 32.33
C TYR D 60 6.12 10.30 32.30
N THR D 61 7.38 10.71 32.44
CA THR D 61 8.45 9.75 32.66
C THR D 61 8.37 9.23 34.08
N GLY D 62 8.78 7.97 34.27
CA GLY D 62 8.64 7.35 35.58
C GLY D 62 9.37 8.10 36.68
N SER D 63 10.55 8.65 36.37
CA SER D 63 11.37 9.28 37.40
C SER D 63 10.71 10.48 38.05
N VAL D 64 9.68 11.06 37.42
CA VAL D 64 8.98 12.23 37.96
C VAL D 64 7.50 11.95 38.21
N LYS D 65 7.05 10.71 38.07
CA LYS D 65 5.64 10.41 38.25
C LYS D 65 5.19 10.79 39.66
N GLY D 66 4.05 11.47 39.76
CA GLY D 66 3.52 11.89 41.03
C GLY D 66 4.21 13.09 41.63
N ARG D 67 5.02 13.80 40.86
CA ARG D 67 5.78 14.93 41.38
C ARG D 67 5.63 16.16 40.50
N PHE D 68 5.33 15.95 39.22
CA PHE D 68 5.11 17.03 38.26
C PHE D 68 3.66 17.06 37.82
N THR D 69 3.31 18.08 37.04
CA THR D 69 1.94 18.26 36.58
C THR D 69 1.93 19.14 35.35
N ILE D 70 1.46 18.60 34.22
CA ILE D 70 1.40 19.31 32.96
C ILE D 70 -0.02 19.82 32.73
N SER D 71 -0.13 20.93 32.01
CA SER D 71 -1.43 21.47 31.64
C SER D 71 -1.27 22.37 30.44
N ARG D 72 -2.37 22.62 29.74
CA ARG D 72 -2.40 23.51 28.59
C ARG D 72 -3.68 24.31 28.61
N ASP D 73 -3.65 25.48 27.97
CA ASP D 73 -4.81 26.37 27.89
C ASP D 73 -4.94 26.82 26.43
N ASN D 74 -5.79 26.13 25.67
CA ASN D 74 -5.93 26.44 24.26
C ASN D 74 -6.56 27.81 24.01
N ALA D 75 -7.27 28.36 24.99
CA ALA D 75 -7.92 29.64 24.81
C ALA D 75 -6.93 30.80 24.70
N LYS D 76 -5.68 30.60 25.11
CA LYS D 76 -4.67 31.66 24.98
C LYS D 76 -3.35 31.13 24.46
N ASN D 77 -3.29 29.88 24.01
CA ASN D 77 -2.08 29.30 23.43
C ASN D 77 -0.92 29.39 24.41
N THR D 78 -1.09 28.78 25.59
CA THR D 78 -0.06 28.74 26.61
C THR D 78 0.06 27.33 27.16
N LEU D 79 1.28 26.95 27.54
CA LEU D 79 1.57 25.64 28.10
C LEU D 79 2.30 25.80 29.42
N TYR D 80 1.92 24.99 30.40
CA TYR D 80 2.44 25.11 31.75
C TYR D 80 3.06 23.80 32.20
N LEU D 81 3.85 23.89 33.27
CA LEU D 81 4.39 22.73 33.96
C LEU D 81 4.51 23.05 35.44
N GLN D 82 3.96 22.20 36.29
CA GLN D 82 4.00 22.39 37.74
C GLN D 82 4.99 21.39 38.33
N MET D 83 5.93 21.91 39.12
CA MET D 83 6.97 21.09 39.73
C MET D 83 7.02 21.38 41.22
N ASN D 84 7.19 20.33 42.02
CA ASN D 84 7.31 20.48 43.47
C ASN D 84 8.10 19.30 44.01
N SER D 85 8.58 19.45 45.24
CA SER D 85 9.47 18.46 45.86
C SER D 85 10.72 18.26 45.02
N LEU D 86 11.26 19.38 44.54
CA LEU D 86 12.41 19.33 43.65
C LEU D 86 13.60 18.65 44.32
N LYS D 87 14.31 17.83 43.57
CA LYS D 87 15.53 17.20 44.01
C LYS D 87 16.73 17.82 43.29
N PRO D 88 17.94 17.60 43.81
CA PRO D 88 19.13 18.15 43.11
C PRO D 88 19.27 17.64 41.69
N GLU D 89 18.78 16.44 41.39
CA GLU D 89 18.89 15.88 40.05
C GLU D 89 18.02 16.60 39.04
N ASP D 90 17.13 17.50 39.48
CA ASP D 90 16.24 18.20 38.55
C ASP D 90 16.86 19.44 37.92
N THR D 91 18.05 19.84 38.34
CA THR D 91 18.69 21.02 37.77
C THR D 91 19.04 20.74 36.32
N ALA D 92 18.50 21.54 35.41
CA ALA D 92 18.70 21.35 33.98
C ALA D 92 18.06 22.51 33.24
N VAL D 93 18.16 22.46 31.91
CA VAL D 93 17.50 23.44 31.04
C VAL D 93 16.28 22.78 30.42
N TYR D 94 15.13 23.44 30.55
CA TYR D 94 13.85 22.87 30.13
C TYR D 94 13.40 23.51 28.83
N TYR D 95 12.97 22.67 27.89
CA TYR D 95 12.59 23.10 26.54
C TYR D 95 11.11 22.82 26.30
N CYS D 96 10.50 23.67 25.47
CA CYS D 96 9.10 23.53 25.09
C CYS D 96 9.04 23.15 23.61
N ALA D 97 8.52 21.97 23.33
CA ALA D 97 8.63 21.37 22.00
C ALA D 97 7.25 21.09 21.43
N ARG D 98 7.18 21.05 20.10
CA ARG D 98 5.95 20.78 19.37
C ARG D 98 6.16 19.59 18.44
N CYS D 99 5.14 18.75 18.32
CA CYS D 99 5.23 17.60 17.42
C CYS D 99 5.19 18.06 15.96
N PRO D 100 5.86 17.34 15.06
CA PRO D 100 6.01 17.84 13.69
C PRO D 100 4.70 18.09 12.95
N ALA D 101 3.69 17.24 13.15
CA ALA D 101 2.54 17.24 12.28
C ALA D 101 1.29 17.73 13.00
N PRO D 102 0.30 18.25 12.27
CA PRO D 102 -0.83 18.95 12.92
C PRO D 102 -1.97 18.07 13.38
N PHE D 103 -2.01 16.78 13.03
CA PHE D 103 -3.11 15.93 13.46
C PHE D 103 -2.70 14.52 13.86
N THR D 104 -1.41 14.23 14.01
CA THR D 104 -0.98 12.90 14.42
C THR D 104 -0.99 12.76 15.93
N CYS D 107 5.00 11.51 17.07
CA CYS D 107 5.95 12.53 17.50
C CYS D 107 7.36 11.94 17.48
N PHE D 108 8.11 12.24 16.42
CA PHE D 108 9.32 11.47 16.13
C PHE D 108 10.57 12.14 16.67
N ASP D 109 10.87 13.35 16.22
CA ASP D 109 12.21 13.92 16.36
C ASP D 109 12.32 15.04 17.39
N VAL D 110 11.48 15.03 18.43
CA VAL D 110 11.54 16.10 19.42
C VAL D 110 12.85 16.06 20.22
N THR D 111 13.45 14.88 20.37
CA THR D 111 14.66 14.72 21.15
C THR D 111 15.93 14.91 20.33
N SER D 112 15.80 15.13 19.03
CA SER D 112 16.98 15.29 18.18
C SER D 112 17.82 16.49 18.64
N THR D 113 19.11 16.42 18.33
CA THR D 113 20.02 17.48 18.77
C THR D 113 19.62 18.83 18.19
N THR D 114 19.19 18.86 16.94
CA THR D 114 18.65 20.06 16.31
C THR D 114 17.21 19.81 15.91
N TYR D 115 16.33 20.72 16.31
CA TYR D 115 14.90 20.57 16.05
C TYR D 115 14.30 21.94 15.84
N ALA D 116 13.51 22.09 14.77
CA ALA D 116 13.06 23.41 14.37
C ALA D 116 11.90 23.95 15.20
N TYR D 117 11.14 23.07 15.87
CA TYR D 117 9.91 23.46 16.55
C TYR D 117 10.02 23.33 18.07
N ARG D 118 11.15 23.72 18.64
CA ARG D 118 11.27 23.86 20.08
C ARG D 118 12.00 25.17 20.39
N GLY D 119 11.73 25.71 21.58
CA GLY D 119 12.22 27.02 21.94
C GLY D 119 13.67 26.99 22.39
N GLN D 120 14.14 28.16 22.85
CA GLN D 120 15.51 28.31 23.30
C GLN D 120 15.73 27.76 24.70
N GLY D 121 14.67 27.56 25.48
CA GLY D 121 14.78 26.96 26.79
C GLY D 121 14.89 27.99 27.90
N THR D 122 14.73 27.50 29.14
CA THR D 122 14.83 28.32 30.32
C THR D 122 15.66 27.58 31.36
N GLN D 123 16.30 28.33 32.25
CA GLN D 123 17.24 27.78 33.22
C GLN D 123 16.56 27.59 34.56
N VAL D 124 16.73 26.39 35.13
CA VAL D 124 16.24 26.07 36.47
C VAL D 124 17.40 25.46 37.25
N THR D 125 17.80 26.13 38.33
CA THR D 125 18.88 25.68 39.18
C THR D 125 18.34 25.50 40.59
N VAL D 126 18.57 24.33 41.17
CA VAL D 126 18.04 24.02 42.50
C VAL D 126 19.06 24.42 43.56
N ASN E 34 -47.56 -45.80 -23.10
CA ASN E 34 -46.72 -44.82 -22.35
C ASN E 34 -47.12 -44.80 -20.87
N GLN E 35 -46.36 -45.52 -20.05
CA GLN E 35 -46.68 -45.64 -18.64
C GLN E 35 -46.01 -44.57 -17.77
N PHE E 36 -45.33 -43.60 -18.38
CA PHE E 36 -44.65 -42.55 -17.65
C PHE E 36 -45.43 -41.23 -17.65
N VAL E 37 -46.69 -41.25 -18.07
CA VAL E 37 -47.54 -40.07 -17.99
C VAL E 37 -48.05 -39.94 -16.55
N GLN E 38 -47.59 -38.91 -15.85
CA GLN E 38 -47.94 -38.72 -14.45
C GLN E 38 -49.16 -37.80 -14.31
N PRO E 39 -49.83 -37.85 -13.15
CA PRO E 39 -50.93 -36.92 -12.90
C PRO E 39 -50.44 -35.50 -12.63
N ALA E 40 -51.40 -34.59 -12.45
CA ALA E 40 -51.08 -33.18 -12.37
C ALA E 40 -50.36 -32.81 -11.08
N TRP E 41 -50.85 -33.30 -9.94
CA TRP E 41 -50.31 -32.87 -8.66
C TRP E 41 -48.92 -33.47 -8.39
N GLN E 42 -48.71 -34.74 -8.74
CA GLN E 42 -47.37 -35.32 -8.59
C GLN E 42 -46.35 -34.58 -9.44
N ILE E 43 -46.79 -33.84 -10.46
CA ILE E 43 -45.87 -33.08 -11.28
C ILE E 43 -45.66 -31.69 -10.68
N VAL E 44 -46.73 -31.06 -10.23
CA VAL E 44 -46.61 -29.72 -9.63
C VAL E 44 -45.70 -29.77 -8.41
N LEU E 45 -45.82 -30.83 -7.61
CA LEU E 45 -45.00 -30.93 -6.40
C LEU E 45 -43.52 -30.97 -6.73
N TRP E 46 -43.14 -31.71 -7.78
CA TRP E 46 -41.75 -31.73 -8.21
C TRP E 46 -41.33 -30.41 -8.83
N ALA E 47 -42.25 -29.78 -9.56
CA ALA E 47 -41.92 -28.55 -10.28
C ALA E 47 -41.52 -27.44 -9.31
N ALA E 48 -42.27 -27.29 -8.22
CA ALA E 48 -41.92 -26.24 -7.25
C ALA E 48 -40.53 -26.48 -6.67
N ALA E 49 -40.25 -27.72 -6.29
CA ALA E 49 -38.96 -28.05 -5.69
C ALA E 49 -37.82 -27.77 -6.65
N TYR E 50 -38.00 -28.08 -7.93
CA TYR E 50 -36.94 -27.80 -8.89
C TYR E 50 -36.79 -26.30 -9.15
N THR E 51 -37.92 -25.57 -9.17
CA THR E 51 -37.87 -24.13 -9.38
C THR E 51 -37.04 -23.45 -8.31
N VAL E 52 -37.24 -23.83 -7.04
CA VAL E 52 -36.52 -23.16 -5.97
C VAL E 52 -35.01 -23.26 -6.20
N ILE E 53 -34.52 -24.46 -6.49
CA ILE E 53 -33.08 -24.65 -6.59
C ILE E 53 -32.53 -23.96 -7.84
N VAL E 54 -33.22 -24.06 -8.97
CA VAL E 54 -32.69 -23.42 -10.18
C VAL E 54 -32.60 -21.91 -9.96
N VAL E 55 -33.65 -21.30 -9.40
CA VAL E 55 -33.66 -19.86 -9.24
C VAL E 55 -32.54 -19.42 -8.30
N THR E 56 -32.44 -20.06 -7.13
CA THR E 56 -31.42 -19.64 -6.18
C THR E 56 -30.01 -19.84 -6.74
N SER E 57 -29.76 -20.99 -7.37
CA SER E 57 -28.43 -21.23 -7.92
C SER E 57 -28.06 -20.17 -8.96
N VAL E 58 -28.95 -19.93 -9.92
CA VAL E 58 -28.64 -18.98 -10.99
C VAL E 58 -28.38 -17.59 -10.41
N VAL E 59 -29.30 -17.12 -9.56
CA VAL E 59 -29.16 -15.76 -9.04
C VAL E 59 -27.90 -15.62 -8.22
N GLY E 60 -27.64 -16.55 -7.31
CA GLY E 60 -26.45 -16.44 -6.48
C GLY E 60 -25.17 -16.46 -7.29
N ASN E 61 -25.07 -17.42 -8.23
CA ASN E 61 -23.84 -17.52 -9.00
C ASN E 61 -23.60 -16.29 -9.86
N VAL E 62 -24.63 -15.80 -10.56
CA VAL E 62 -24.41 -14.62 -11.39
C VAL E 62 -24.09 -13.41 -10.54
N VAL E 63 -24.71 -13.28 -9.35
CA VAL E 63 -24.41 -12.12 -8.51
C VAL E 63 -22.96 -12.16 -8.03
N VAL E 64 -22.47 -13.34 -7.62
CA VAL E 64 -21.08 -13.41 -7.17
C VAL E 64 -20.14 -13.12 -8.33
N MET E 65 -20.47 -13.63 -9.52
CA MET E 65 -19.63 -13.36 -10.69
C MET E 65 -19.58 -11.87 -10.98
N TRP E 66 -20.71 -11.17 -10.89
CA TRP E 66 -20.71 -9.73 -11.07
C TRP E 66 -19.91 -9.03 -9.97
N ILE E 67 -20.01 -9.52 -8.74
CA ILE E 67 -19.33 -8.89 -7.61
C ILE E 67 -17.83 -8.92 -7.84
N ILE E 68 -17.30 -10.06 -8.27
CA ILE E 68 -15.85 -10.18 -8.41
C ILE E 68 -15.34 -9.28 -9.52
N LEU E 69 -16.11 -9.10 -10.59
CA LEU E 69 -15.62 -8.42 -11.78
C LEU E 69 -15.95 -6.93 -11.82
N ALA E 70 -16.92 -6.46 -11.05
CA ALA E 70 -17.36 -5.07 -11.18
C ALA E 70 -16.51 -4.09 -10.37
N HIS E 71 -15.64 -4.58 -9.50
CA HIS E 71 -14.86 -3.72 -8.62
C HIS E 71 -13.37 -4.00 -8.82
N LYS E 72 -12.57 -2.93 -8.88
CA LYS E 72 -11.14 -3.09 -9.10
C LYS E 72 -10.44 -3.73 -7.90
N ARG E 73 -10.94 -3.50 -6.69
CA ARG E 73 -10.31 -4.09 -5.52
C ARG E 73 -10.38 -5.60 -5.53
N MET E 74 -11.50 -6.17 -5.95
CA MET E 74 -11.69 -7.61 -5.97
C MET E 74 -11.09 -8.26 -7.21
N ARG E 75 -10.90 -7.50 -8.29
CA ARG E 75 -10.43 -8.04 -9.56
C ARG E 75 -8.94 -8.34 -9.45
N THR E 76 -8.62 -9.51 -8.90
CA THR E 76 -7.24 -9.91 -8.69
C THR E 76 -7.07 -11.36 -9.11
N VAL E 77 -5.81 -11.77 -9.25
CA VAL E 77 -5.50 -13.12 -9.73
C VAL E 77 -6.05 -14.18 -8.77
N THR E 78 -6.29 -13.80 -7.51
CA THR E 78 -6.70 -14.80 -6.52
C THR E 78 -8.12 -15.29 -6.78
N ASN E 79 -8.90 -14.59 -7.60
CA ASN E 79 -10.31 -14.87 -7.78
C ASN E 79 -10.66 -15.50 -9.12
N TYR E 80 -9.64 -15.87 -9.92
CA TYR E 80 -9.92 -16.45 -11.23
C TYR E 80 -10.62 -17.80 -11.09
N PHE E 81 -10.14 -18.66 -10.20
CA PHE E 81 -10.81 -19.94 -10.00
C PHE E 81 -12.22 -19.76 -9.47
N LEU E 82 -12.43 -18.78 -8.59
CA LEU E 82 -13.78 -18.53 -8.07
C LEU E 82 -14.72 -18.11 -9.19
N VAL E 83 -14.29 -17.20 -10.07
CA VAL E 83 -15.18 -16.78 -11.14
C VAL E 83 -15.42 -17.93 -12.12
N ASN E 84 -14.40 -18.74 -12.40
CA ASN E 84 -14.60 -19.89 -13.26
C ASN E 84 -15.62 -20.86 -12.67
N LEU E 85 -15.50 -21.13 -11.37
CA LEU E 85 -16.45 -22.02 -10.70
C LEU E 85 -17.85 -21.44 -10.74
N ALA E 86 -17.98 -20.14 -10.51
CA ALA E 86 -19.30 -19.51 -10.55
C ALA E 86 -19.93 -19.63 -11.93
N PHE E 87 -19.16 -19.35 -12.98
CA PHE E 87 -19.70 -19.48 -14.33
C PHE E 87 -20.12 -20.91 -14.63
N ALA E 88 -19.28 -21.88 -14.25
CA ALA E 88 -19.61 -23.27 -14.49
C ALA E 88 -20.89 -23.67 -13.79
N GLU E 89 -21.03 -23.27 -12.51
CA GLU E 89 -22.22 -23.62 -11.75
C GLU E 89 -23.46 -22.97 -12.35
N ALA E 90 -23.35 -21.71 -12.75
CA ALA E 90 -24.50 -21.03 -13.33
C ALA E 90 -24.95 -21.70 -14.62
N SER E 91 -24.00 -22.00 -15.51
CA SER E 91 -24.37 -22.67 -16.76
C SER E 91 -24.97 -24.05 -16.48
N MET E 92 -24.37 -24.79 -15.55
CA MET E 92 -24.91 -26.08 -15.16
C MET E 92 -26.37 -25.97 -14.74
N ALA E 93 -26.66 -25.07 -13.80
CA ALA E 93 -28.02 -24.95 -13.29
C ALA E 93 -28.97 -24.52 -14.40
N ALA E 94 -28.56 -23.54 -15.22
CA ALA E 94 -29.45 -23.00 -16.24
C ALA E 94 -29.80 -24.05 -17.29
N PHE E 95 -28.80 -24.82 -17.74
CA PHE E 95 -29.01 -25.70 -18.89
C PHE E 95 -29.37 -27.12 -18.50
N ASN E 96 -28.56 -27.77 -17.67
CA ASN E 96 -28.79 -29.19 -17.41
C ASN E 96 -30.12 -29.41 -16.70
N THR E 97 -30.38 -28.64 -15.65
CA THR E 97 -31.49 -28.94 -14.74
C THR E 97 -32.83 -28.79 -15.43
N VAL E 98 -33.08 -27.66 -16.08
CA VAL E 98 -34.39 -27.40 -16.65
C VAL E 98 -34.72 -28.42 -17.72
N VAL E 99 -33.79 -28.67 -18.64
CA VAL E 99 -34.05 -29.60 -19.72
C VAL E 99 -34.23 -31.02 -19.18
N ASN E 100 -33.38 -31.44 -18.24
CA ASN E 100 -33.54 -32.77 -17.67
C ASN E 100 -34.88 -32.93 -16.99
N PHE E 101 -35.32 -31.92 -16.24
CA PHE E 101 -36.61 -31.99 -15.58
C PHE E 101 -37.74 -32.11 -16.60
N THR E 102 -37.77 -31.19 -17.57
CA THR E 102 -38.87 -31.18 -18.52
C THR E 102 -38.89 -32.45 -19.36
N TYR E 103 -37.74 -33.11 -19.54
CA TYR E 103 -37.75 -34.41 -20.21
C TYR E 103 -38.26 -35.50 -19.29
N ALA E 104 -37.89 -35.44 -18.00
CA ALA E 104 -38.25 -36.52 -17.08
C ALA E 104 -39.72 -36.48 -16.69
N VAL E 105 -40.37 -35.32 -16.77
CA VAL E 105 -41.75 -35.23 -16.32
C VAL E 105 -42.64 -36.21 -17.08
N HIS E 106 -42.55 -36.22 -18.40
CA HIS E 106 -43.33 -37.13 -19.23
C HIS E 106 -42.49 -38.10 -20.02
N ASN E 107 -41.17 -37.91 -20.12
CA ASN E 107 -40.30 -38.76 -20.91
C ASN E 107 -40.65 -38.69 -22.38
N GLU E 108 -40.81 -37.46 -22.88
CA GLU E 108 -41.04 -37.19 -24.29
C GLU E 108 -40.16 -36.02 -24.70
N TRP E 109 -39.45 -36.18 -25.81
CA TRP E 109 -38.56 -35.14 -26.31
C TRP E 109 -39.35 -34.15 -27.16
N TYR E 110 -38.94 -32.88 -27.11
CA TYR E 110 -39.68 -31.81 -27.77
C TYR E 110 -38.84 -30.91 -28.66
N TYR E 111 -37.51 -31.07 -28.70
CA TYR E 111 -36.63 -30.07 -29.28
C TYR E 111 -36.01 -30.47 -30.61
N GLY E 112 -35.87 -31.77 -30.88
CA GLY E 112 -35.33 -32.21 -32.15
C GLY E 112 -33.90 -32.75 -32.05
N LEU E 113 -33.43 -33.20 -33.22
CA LEU E 113 -32.14 -33.89 -33.29
C LEU E 113 -30.99 -32.97 -32.90
N PHE E 114 -31.00 -31.73 -33.40
CA PHE E 114 -29.87 -30.83 -33.16
C PHE E 114 -29.74 -30.54 -31.67
N TYR E 115 -30.84 -30.25 -30.99
CA TYR E 115 -30.76 -29.97 -29.56
C TYR E 115 -30.45 -31.23 -28.77
N CYS E 116 -30.96 -32.40 -29.20
CA CYS E 116 -30.56 -33.64 -28.55
C CYS E 116 -29.06 -33.85 -28.66
N LYS E 117 -28.45 -33.38 -29.76
CA LYS E 117 -27.00 -33.46 -29.89
C LYS E 117 -26.29 -32.49 -28.95
N PHE E 118 -26.76 -31.24 -28.91
CA PHE E 118 -26.07 -30.21 -28.14
C PHE E 118 -26.18 -30.47 -26.63
N HIS E 119 -27.30 -31.04 -26.19
CA HIS E 119 -27.57 -31.18 -24.76
C HIS E 119 -26.69 -32.25 -24.14
N ASN E 120 -26.36 -33.29 -24.89
CA ASN E 120 -25.47 -34.35 -24.40
C ASN E 120 -24.01 -33.97 -24.53
N PHE E 121 -23.71 -32.75 -24.98
CA PHE E 121 -22.33 -32.33 -25.16
C PHE E 121 -21.96 -31.22 -24.18
N PHE E 122 -22.71 -30.12 -24.19
CA PHE E 122 -22.24 -28.96 -23.43
C PHE E 122 -22.60 -29.02 -21.94
N PRO E 123 -23.85 -29.24 -21.54
CA PRO E 123 -24.17 -29.22 -20.10
C PRO E 123 -23.40 -30.23 -19.26
N ILE E 124 -22.92 -31.32 -19.86
CA ILE E 124 -22.16 -32.31 -19.10
C ILE E 124 -20.72 -31.84 -18.90
N ALA E 125 -20.14 -31.26 -19.94
CA ALA E 125 -18.85 -30.60 -19.78
C ALA E 125 -18.93 -29.53 -18.68
N ALA E 126 -20.07 -28.86 -18.58
CA ALA E 126 -20.23 -27.89 -17.50
C ALA E 126 -20.08 -28.54 -16.13
N VAL E 127 -20.70 -29.71 -15.93
CA VAL E 127 -20.62 -30.41 -14.65
C VAL E 127 -19.18 -30.76 -14.34
N PHE E 128 -18.50 -31.38 -15.30
CA PHE E 128 -17.12 -31.80 -15.07
C PHE E 128 -16.23 -30.60 -14.76
N ALA E 129 -16.42 -29.51 -15.51
CA ALA E 129 -15.61 -28.32 -15.29
C ALA E 129 -15.84 -27.75 -13.90
N SER E 130 -17.09 -27.73 -13.44
CA SER E 130 -17.37 -27.22 -12.10
C SER E 130 -16.66 -28.05 -11.04
N ILE E 131 -16.74 -29.38 -11.16
CA ILE E 131 -16.09 -30.22 -10.15
C ILE E 131 -14.58 -30.00 -10.14
N TYR E 132 -13.95 -29.93 -11.31
CA TYR E 132 -12.51 -29.77 -11.31
C TYR E 132 -12.09 -28.35 -10.91
N SER E 133 -12.94 -27.36 -11.13
CA SER E 133 -12.68 -26.03 -10.59
C SER E 133 -12.70 -26.03 -9.08
N MET E 134 -13.64 -26.78 -8.48
CA MET E 134 -13.63 -26.93 -7.03
C MET E 134 -12.32 -27.54 -6.56
N THR E 135 -11.85 -28.57 -7.27
CA THR E 135 -10.56 -29.18 -6.91
C THR E 135 -9.43 -28.15 -6.99
N ALA E 136 -9.42 -27.33 -8.04
CA ALA E 136 -8.38 -26.31 -8.17
C ALA E 136 -8.43 -25.31 -7.02
N VAL E 137 -9.63 -24.90 -6.62
CA VAL E 137 -9.76 -23.97 -5.49
C VAL E 137 -9.16 -24.61 -4.23
N ALA E 138 -9.48 -25.87 -4.00
CA ALA E 138 -8.92 -26.55 -2.82
C ALA E 138 -7.40 -26.57 -2.88
N PHE E 139 -6.83 -26.86 -4.05
CA PHE E 139 -5.37 -26.88 -4.18
C PHE E 139 -4.78 -25.50 -3.88
N ASP E 140 -5.41 -24.44 -4.40
CA ASP E 140 -4.90 -23.09 -4.15
C ASP E 140 -4.89 -22.77 -2.67
N ARG E 141 -5.98 -23.09 -1.96
CA ARG E 141 -6.03 -22.83 -0.53
C ARG E 141 -4.97 -23.62 0.21
N TYR E 142 -4.80 -24.90 -0.16
CA TYR E 142 -3.77 -25.71 0.49
C TYR E 142 -2.40 -25.07 0.34
N MET E 143 -2.06 -24.65 -0.89
CA MET E 143 -0.75 -24.05 -1.11
C MET E 143 -0.59 -22.76 -0.34
N ALA E 144 -1.64 -21.93 -0.29
CA ALA E 144 -1.53 -20.66 0.41
C ALA E 144 -1.39 -20.82 1.92
N ILE E 145 -1.93 -21.89 2.49
CA ILE E 145 -1.90 -22.08 3.94
C ILE E 145 -0.67 -22.85 4.39
N ILE E 146 -0.30 -23.92 3.69
CA ILE E 146 0.77 -24.79 4.19
C ILE E 146 2.15 -24.29 3.77
N HIS E 147 2.25 -23.55 2.68
CA HIS E 147 3.53 -23.03 2.19
C HIS E 147 3.41 -21.53 1.93
N PRO E 148 3.28 -20.73 3.00
CA PRO E 148 3.00 -19.31 2.81
C PRO E 148 4.16 -18.52 2.23
N LEU E 149 5.40 -19.03 2.31
CA LEU E 149 6.56 -18.25 1.88
C LEU E 149 6.93 -18.46 0.42
N GLN E 150 6.23 -19.34 -0.29
CA GLN E 150 6.51 -19.49 -1.72
C GLN E 150 5.60 -18.56 -2.52
N PRO E 151 6.09 -18.00 -3.63
CA PRO E 151 5.23 -17.13 -4.43
C PRO E 151 4.09 -17.91 -5.07
N ARG E 152 2.94 -17.25 -5.20
CA ARG E 152 1.78 -17.88 -5.80
C ARG E 152 1.92 -17.94 -7.32
N LEU E 153 1.22 -18.89 -7.92
CA LEU E 153 1.26 -19.08 -9.36
C LEU E 153 0.99 -17.76 -10.10
N SER E 154 1.49 -17.68 -11.33
CA SER E 154 1.34 -16.47 -12.12
C SER E 154 0.00 -16.43 -12.84
N ALA E 155 -0.34 -15.25 -13.34
CA ALA E 155 -1.60 -15.08 -14.05
C ALA E 155 -1.67 -15.95 -15.30
N THR E 156 -0.56 -16.02 -16.04
CA THR E 156 -0.53 -16.87 -17.23
C THR E 156 -0.75 -18.33 -16.87
N ALA E 157 -0.11 -18.80 -15.79
CA ALA E 157 -0.30 -20.18 -15.37
C ALA E 157 -1.76 -20.43 -14.97
N THR E 158 -2.37 -19.47 -14.27
CA THR E 158 -3.78 -19.62 -13.89
C THR E 158 -4.66 -19.74 -15.11
N LYS E 159 -4.45 -18.85 -16.09
CA LYS E 159 -5.26 -18.88 -17.31
C LYS E 159 -5.08 -20.20 -18.05
N VAL E 160 -3.84 -20.68 -18.16
CA VAL E 160 -3.59 -21.94 -18.85
C VAL E 160 -4.28 -23.08 -18.11
N VAL E 161 -4.26 -23.05 -16.78
CA VAL E 161 -4.89 -24.11 -16.00
C VAL E 161 -6.40 -24.13 -16.26
N ILE E 162 -7.03 -22.95 -16.29
CA ILE E 162 -8.46 -22.89 -16.54
C ILE E 162 -8.78 -23.41 -17.94
N CYS E 163 -7.98 -23.01 -18.93
CA CYS E 163 -8.21 -23.50 -20.29
C CYS E 163 -8.07 -25.02 -20.37
N VAL E 164 -7.07 -25.58 -19.68
CA VAL E 164 -6.90 -27.02 -19.67
C VAL E 164 -8.10 -27.70 -19.00
N ILE E 165 -8.62 -27.10 -17.94
CA ILE E 165 -9.80 -27.65 -17.28
C ILE E 165 -10.95 -27.76 -18.26
N TRP E 166 -11.23 -26.66 -18.97
CA TRP E 166 -12.35 -26.67 -19.92
C TRP E 166 -12.11 -27.66 -21.05
N VAL E 167 -10.87 -27.74 -21.55
CA VAL E 167 -10.58 -28.65 -22.66
C VAL E 167 -10.77 -30.10 -22.23
N LEU E 168 -10.31 -30.45 -21.03
CA LEU E 168 -10.51 -31.81 -20.54
C LEU E 168 -11.99 -32.11 -20.35
N ALA E 169 -12.77 -31.15 -19.84
CA ALA E 169 -14.20 -31.38 -19.69
C ALA E 169 -14.85 -31.67 -21.04
N LEU E 170 -14.53 -30.86 -22.05
CA LEU E 170 -15.09 -31.08 -23.38
C LEU E 170 -14.67 -32.44 -23.93
N LEU E 171 -13.40 -32.81 -23.76
CA LEU E 171 -12.93 -34.10 -24.27
C LEU E 171 -13.67 -35.25 -23.61
N LEU E 172 -13.87 -35.17 -22.30
CA LEU E 172 -14.52 -36.28 -21.60
C LEU E 172 -16.01 -36.34 -21.92
N ALA E 173 -16.63 -35.20 -22.26
CA ALA E 173 -18.07 -35.20 -22.55
C ALA E 173 -18.40 -35.41 -24.02
N PHE E 174 -17.41 -35.34 -24.92
CA PHE E 174 -17.70 -35.47 -26.35
C PHE E 174 -18.32 -36.81 -26.73
N PRO E 175 -17.79 -37.96 -26.31
CA PRO E 175 -18.35 -39.23 -26.79
C PRO E 175 -19.83 -39.40 -26.49
N GLN E 176 -20.29 -38.92 -25.33
CA GLN E 176 -21.71 -39.05 -25.00
C GLN E 176 -22.58 -38.28 -25.97
N GLY E 177 -22.05 -37.23 -26.58
CA GLY E 177 -22.82 -36.42 -27.50
C GLY E 177 -22.69 -36.86 -28.95
N TYR E 178 -21.57 -37.49 -29.30
CA TYR E 178 -21.39 -37.94 -30.68
C TYR E 178 -22.48 -38.92 -31.09
N TYR E 179 -22.78 -39.89 -30.23
CA TYR E 179 -23.70 -40.98 -30.57
C TYR E 179 -25.14 -40.69 -30.15
N SER E 180 -25.42 -39.50 -29.61
CA SER E 180 -26.80 -39.15 -29.31
C SER E 180 -27.62 -39.13 -30.61
N THR E 181 -28.84 -39.64 -30.53
CA THR E 181 -29.73 -39.71 -31.68
C THR E 181 -31.14 -39.39 -31.23
N THR E 182 -32.11 -39.66 -32.10
CA THR E 182 -33.52 -39.48 -31.78
C THR E 182 -34.31 -40.59 -32.45
N GLU E 183 -35.29 -41.13 -31.72
CA GLU E 183 -36.05 -42.29 -32.16
C GLU E 183 -37.53 -42.06 -31.92
N THR E 184 -38.35 -42.42 -32.91
CA THR E 184 -39.79 -42.32 -32.81
C THR E 184 -40.39 -43.60 -32.27
N MET E 185 -41.47 -43.46 -31.53
CA MET E 185 -42.21 -44.60 -31.00
C MET E 185 -43.69 -44.26 -31.07
N PRO E 186 -44.56 -45.21 -30.75
CA PRO E 186 -45.99 -44.87 -30.64
C PRO E 186 -46.22 -43.83 -29.56
N SER E 187 -46.65 -42.64 -29.97
CA SER E 187 -46.95 -41.54 -29.05
C SER E 187 -45.70 -40.96 -28.40
N ARG E 188 -44.52 -41.49 -28.71
CA ARG E 188 -43.29 -40.97 -28.15
C ARG E 188 -42.24 -40.73 -29.22
N VAL E 189 -41.43 -39.71 -29.00
CA VAL E 189 -40.13 -39.56 -29.65
C VAL E 189 -39.13 -39.26 -28.54
N VAL E 190 -38.02 -40.00 -28.52
CA VAL E 190 -37.09 -39.97 -27.41
C VAL E 190 -35.70 -39.59 -27.91
N CYS E 191 -34.92 -38.98 -27.03
CA CYS E 191 -33.52 -38.70 -27.27
C CYS E 191 -32.69 -39.55 -26.31
N MET E 192 -31.87 -40.42 -26.86
CA MET E 192 -31.07 -41.34 -26.07
C MET E 192 -29.71 -41.50 -26.74
N ILE E 193 -28.90 -42.39 -26.17
CA ILE E 193 -27.54 -42.62 -26.65
C ILE E 193 -27.49 -44.00 -27.29
N GLU E 194 -27.20 -44.03 -28.59
CA GLU E 194 -27.16 -45.28 -29.35
C GLU E 194 -25.69 -45.72 -29.50
N TRP E 195 -25.20 -46.39 -28.47
CA TRP E 195 -23.81 -46.82 -28.46
C TRP E 195 -23.57 -47.88 -29.53
N PRO E 196 -22.35 -48.00 -30.03
CA PRO E 196 -22.05 -49.07 -31.00
C PRO E 196 -22.34 -50.44 -30.42
N GLU E 197 -22.88 -51.33 -31.26
CA GLU E 197 -23.35 -52.62 -30.79
C GLU E 197 -22.19 -53.55 -30.47
N HIS E 198 -22.35 -54.34 -29.42
CA HIS E 198 -21.37 -55.34 -29.02
C HIS E 198 -22.08 -56.39 -28.19
N PRO E 199 -21.74 -57.67 -28.36
CA PRO E 199 -22.49 -58.71 -27.63
C PRO E 199 -22.49 -58.54 -26.12
N ASN E 200 -21.38 -58.12 -25.51
CA ASN E 200 -21.28 -58.06 -24.05
C ASN E 200 -21.34 -56.64 -23.51
N LYS E 201 -21.43 -55.61 -24.37
CA LYS E 201 -21.57 -54.23 -23.92
C LYS E 201 -20.34 -53.75 -23.15
N ILE E 202 -19.16 -53.88 -23.77
CA ILE E 202 -17.92 -53.50 -23.10
C ILE E 202 -17.66 -52.00 -23.27
N TYR E 203 -17.96 -51.47 -24.47
CA TYR E 203 -17.55 -50.12 -24.82
C TYR E 203 -18.15 -49.08 -23.86
N GLU E 204 -19.42 -49.22 -23.51
CA GLU E 204 -20.06 -48.27 -22.61
C GLU E 204 -19.84 -48.61 -21.13
N LYS E 205 -19.69 -49.89 -20.80
CA LYS E 205 -19.26 -50.25 -19.45
C LYS E 205 -17.99 -49.51 -19.08
N VAL E 206 -16.97 -49.61 -19.93
CA VAL E 206 -15.69 -48.98 -19.63
C VAL E 206 -15.86 -47.47 -19.51
N TYR E 207 -16.64 -46.87 -20.41
CA TYR E 207 -16.82 -45.42 -20.38
C TYR E 207 -17.45 -44.97 -19.07
N HIS E 208 -18.53 -45.65 -18.65
CA HIS E 208 -19.20 -45.24 -17.41
C HIS E 208 -18.30 -45.46 -16.20
N ILE E 209 -17.59 -46.58 -16.14
CA ILE E 209 -16.71 -46.84 -15.01
C ILE E 209 -15.63 -45.76 -14.93
N CYS E 210 -15.03 -45.43 -16.08
CA CYS E 210 -13.98 -44.42 -16.09
C CYS E 210 -14.52 -43.06 -15.69
N VAL E 211 -15.73 -42.71 -16.14
CA VAL E 211 -16.30 -41.43 -15.74
C VAL E 211 -16.51 -41.39 -14.24
N THR E 212 -17.03 -42.46 -13.66
CA THR E 212 -17.19 -42.51 -12.22
C THR E 212 -15.85 -42.29 -11.53
N VAL E 213 -14.81 -43.00 -11.98
CA VAL E 213 -13.50 -42.90 -11.33
C VAL E 213 -12.97 -41.47 -11.43
N LEU E 214 -13.06 -40.86 -12.61
CA LEU E 214 -12.46 -39.55 -12.82
C LEU E 214 -13.29 -38.42 -12.22
N ILE E 215 -14.56 -38.65 -11.89
CA ILE E 215 -15.43 -37.57 -11.45
C ILE E 215 -15.85 -37.67 -9.98
N TYR E 216 -15.71 -38.83 -9.34
CA TYR E 216 -16.11 -38.98 -7.94
C TYR E 216 -14.91 -39.30 -7.05
N PHE E 217 -14.16 -40.35 -7.35
CA PHE E 217 -13.18 -40.85 -6.39
C PHE E 217 -11.94 -39.99 -6.34
N LEU E 218 -11.51 -39.44 -7.48
CA LEU E 218 -10.27 -38.66 -7.49
C LEU E 218 -10.45 -37.29 -6.83
N PRO E 219 -11.33 -36.42 -7.31
CA PRO E 219 -11.51 -35.13 -6.63
C PRO E 219 -11.85 -35.28 -5.17
N LEU E 220 -12.66 -36.27 -4.81
CA LEU E 220 -12.99 -36.49 -3.41
C LEU E 220 -11.74 -36.75 -2.58
N LEU E 221 -10.89 -37.67 -3.05
CA LEU E 221 -9.66 -37.98 -2.33
C LEU E 221 -8.77 -36.75 -2.21
N VAL E 222 -8.60 -36.01 -3.31
CA VAL E 222 -7.70 -34.86 -3.29
C VAL E 222 -8.19 -33.83 -2.28
N ILE E 223 -9.46 -33.45 -2.36
CA ILE E 223 -9.99 -32.42 -1.46
C ILE E 223 -9.98 -32.91 -0.02
N GLY E 224 -10.31 -34.19 0.19
CA GLY E 224 -10.30 -34.72 1.53
C GLY E 224 -8.94 -34.68 2.18
N TYR E 225 -7.89 -34.97 1.42
CA TYR E 225 -6.54 -34.84 1.97
C TYR E 225 -6.17 -33.38 2.23
N ALA E 226 -6.41 -32.52 1.23
CA ALA E 226 -5.95 -31.14 1.35
C ALA E 226 -6.62 -30.43 2.51
N TYR E 227 -7.95 -30.48 2.55
CA TYR E 227 -8.71 -29.85 3.62
C TYR E 227 -8.45 -30.50 4.97
N THR E 228 -8.22 -31.81 5.01
CA THR E 228 -7.85 -32.45 6.27
C THR E 228 -6.57 -31.84 6.83
N VAL E 229 -5.53 -31.72 6.00
CA VAL E 229 -4.28 -31.16 6.47
C VAL E 229 -4.47 -29.71 6.89
N VAL E 230 -5.18 -28.92 6.09
CA VAL E 230 -5.37 -27.50 6.40
C VAL E 230 -6.12 -27.34 7.72
N GLY E 231 -7.19 -28.12 7.92
CA GLY E 231 -7.93 -28.04 9.16
C GLY E 231 -7.12 -28.46 10.37
N ILE E 232 -6.33 -29.52 10.22
CA ILE E 232 -5.47 -29.94 11.33
C ILE E 232 -4.49 -28.83 11.68
N THR E 233 -3.94 -28.15 10.66
CA THR E 233 -3.02 -27.06 10.94
C THR E 233 -3.72 -25.90 11.63
N LEU E 234 -4.91 -25.51 11.15
CA LEU E 234 -5.57 -24.33 11.70
C LEU E 234 -6.14 -24.56 13.09
N TRP E 235 -6.81 -25.68 13.33
CA TRP E 235 -7.43 -25.94 14.64
C TRP E 235 -6.36 -25.98 15.73
N GLN E 250 -9.39 -14.93 18.91
CA GLN E 250 -9.64 -14.82 17.48
C GLN E 250 -9.63 -16.19 16.81
N VAL E 251 -9.26 -17.22 17.57
CA VAL E 251 -9.26 -18.58 17.04
C VAL E 251 -10.65 -18.99 16.58
N SER E 252 -11.69 -18.25 17.00
CA SER E 252 -13.04 -18.56 16.55
C SER E 252 -13.16 -18.48 15.03
N ALA E 253 -12.47 -17.52 14.40
CA ALA E 253 -12.51 -17.43 12.94
C ALA E 253 -11.89 -18.66 12.29
N LYS E 254 -10.74 -19.12 12.81
CA LYS E 254 -10.11 -20.31 12.26
C LYS E 254 -11.03 -21.52 12.42
N ARG E 255 -11.66 -21.66 13.58
CA ARG E 255 -12.54 -22.80 13.79
C ARG E 255 -13.80 -22.72 12.92
N LYS E 256 -14.30 -21.51 12.67
CA LYS E 256 -15.39 -21.34 11.72
C LYS E 256 -14.97 -21.78 10.33
N VAL E 257 -13.76 -21.42 9.92
CA VAL E 257 -13.24 -21.87 8.63
C VAL E 257 -13.21 -23.39 8.57
N VAL E 258 -12.73 -24.03 9.63
CA VAL E 258 -12.66 -25.49 9.66
C VAL E 258 -14.06 -26.09 9.56
N LYS E 259 -15.03 -25.51 10.27
CA LYS E 259 -16.38 -26.02 10.23
C LYS E 259 -16.97 -25.93 8.83
N MET E 260 -16.77 -24.80 8.15
CA MET E 260 -17.24 -24.66 6.78
C MET E 260 -16.56 -25.68 5.87
N MET E 261 -15.27 -25.91 6.09
CA MET E 261 -14.50 -26.82 5.27
C MET E 261 -15.05 -28.25 5.38
N ILE E 262 -15.36 -28.67 6.60
CA ILE E 262 -15.97 -29.98 6.82
C ILE E 262 -17.30 -30.07 6.09
N VAL E 263 -18.09 -29.00 6.14
CA VAL E 263 -19.38 -29.00 5.47
C VAL E 263 -19.20 -29.21 3.97
N VAL E 264 -18.23 -28.52 3.38
CA VAL E 264 -17.99 -28.67 1.94
C VAL E 264 -17.67 -30.12 1.61
N VAL E 265 -16.72 -30.72 2.34
CA VAL E 265 -16.34 -32.10 2.04
C VAL E 265 -17.56 -33.02 2.17
N CYS E 266 -18.28 -32.90 3.28
CA CYS E 266 -19.38 -33.83 3.53
C CYS E 266 -20.51 -33.67 2.52
N THR E 267 -20.85 -32.42 2.17
CA THR E 267 -21.93 -32.21 1.21
C THR E 267 -21.56 -32.79 -0.15
N PHE E 268 -20.33 -32.57 -0.61
CA PHE E 268 -19.91 -33.19 -1.87
C PHE E 268 -20.09 -34.70 -1.81
N ALA E 269 -19.52 -35.32 -0.76
CA ALA E 269 -19.53 -36.77 -0.68
C ALA E 269 -20.95 -37.32 -0.66
N ILE E 270 -21.81 -36.75 0.18
CA ILE E 270 -23.16 -37.28 0.31
C ILE E 270 -23.99 -37.01 -0.94
N CYS E 271 -23.84 -35.83 -1.56
CA CYS E 271 -24.74 -35.45 -2.64
C CYS E 271 -24.42 -36.16 -3.95
N TRP E 272 -23.15 -36.47 -4.23
CA TRP E 272 -22.84 -37.00 -5.56
C TRP E 272 -22.81 -38.53 -5.63
N LEU E 273 -23.18 -39.24 -4.58
CA LEU E 273 -23.11 -40.70 -4.62
C LEU E 273 -24.25 -41.34 -5.40
N PRO E 274 -25.52 -41.13 -5.04
CA PRO E 274 -26.60 -41.79 -5.79
C PRO E 274 -26.65 -41.39 -7.25
N PHE E 275 -26.15 -40.21 -7.61
CA PHE E 275 -26.11 -39.83 -9.02
C PHE E 275 -25.29 -40.83 -9.83
N HIS E 276 -24.14 -41.23 -9.29
CA HIS E 276 -23.31 -42.21 -10.00
C HIS E 276 -23.87 -43.62 -9.86
N ILE E 277 -24.46 -43.94 -8.70
CA ILE E 277 -25.05 -45.27 -8.54
C ILE E 277 -26.16 -45.49 -9.56
N PHE E 278 -26.95 -44.44 -9.84
CA PHE E 278 -28.05 -44.59 -10.79
C PHE E 278 -27.57 -44.99 -12.17
N PHE E 279 -26.50 -44.36 -12.66
CA PHE E 279 -25.99 -44.67 -13.99
C PHE E 279 -25.12 -45.92 -14.01
N LEU E 280 -24.64 -46.38 -12.86
CA LEU E 280 -23.94 -47.66 -12.83
C LEU E 280 -24.90 -48.84 -12.68
N LEU E 281 -26.12 -48.58 -12.23
CA LEU E 281 -27.06 -49.67 -11.98
C LEU E 281 -27.46 -50.47 -13.23
N PRO E 282 -27.76 -49.87 -14.39
CA PRO E 282 -28.34 -50.67 -15.48
C PRO E 282 -27.46 -51.83 -15.93
N TYR E 283 -26.14 -51.71 -15.81
CA TYR E 283 -25.26 -52.82 -16.14
C TYR E 283 -25.22 -53.88 -15.05
N ILE E 284 -25.88 -53.63 -13.91
CA ILE E 284 -26.02 -54.63 -12.86
C ILE E 284 -27.39 -55.30 -13.02
N ASN E 285 -28.45 -54.50 -13.11
CA ASN E 285 -29.81 -55.03 -13.19
C ASN E 285 -30.66 -54.16 -14.13
N PRO E 286 -30.72 -54.51 -15.41
CA PRO E 286 -31.47 -53.67 -16.35
C PRO E 286 -32.97 -53.69 -16.16
N ASP E 287 -33.52 -54.73 -15.53
CA ASP E 287 -34.97 -54.86 -15.46
C ASP E 287 -35.62 -53.71 -14.68
N LEU E 288 -34.87 -53.08 -13.77
CA LEU E 288 -35.44 -52.04 -12.94
C LEU E 288 -35.87 -50.83 -13.76
N TYR E 289 -35.28 -50.64 -14.93
CA TYR E 289 -35.61 -49.50 -15.78
C TYR E 289 -36.84 -49.74 -16.66
N LEU E 290 -37.68 -50.70 -16.30
CA LEU E 290 -38.96 -50.92 -16.96
C LEU E 290 -40.14 -50.77 -16.01
N LYS E 291 -39.94 -50.17 -14.84
CA LYS E 291 -40.99 -49.98 -13.86
C LYS E 291 -41.19 -48.49 -13.59
N LYS E 292 -42.41 -48.12 -13.20
CA LYS E 292 -42.74 -46.70 -13.00
C LYS E 292 -41.93 -46.09 -11.87
N PHE E 293 -41.44 -46.90 -10.94
CA PHE E 293 -40.70 -46.36 -9.79
C PHE E 293 -39.37 -45.75 -10.21
N ILE E 294 -38.89 -46.11 -11.40
CA ILE E 294 -37.57 -45.68 -11.84
C ILE E 294 -37.55 -44.17 -12.09
N GLN E 295 -38.62 -43.60 -12.66
CA GLN E 295 -38.60 -42.18 -12.93
C GLN E 295 -38.65 -41.38 -11.62
N GLN E 296 -39.37 -41.87 -10.61
CA GLN E 296 -39.33 -41.23 -9.30
C GLN E 296 -37.93 -41.26 -8.72
N VAL E 297 -37.27 -42.42 -8.81
CA VAL E 297 -35.90 -42.52 -8.29
C VAL E 297 -34.99 -41.56 -9.02
N TYR E 298 -35.13 -41.47 -10.36
CA TYR E 298 -34.30 -40.57 -11.14
C TYR E 298 -34.53 -39.12 -10.73
N LEU E 299 -35.79 -38.73 -10.55
CA LEU E 299 -36.08 -37.37 -10.12
C LEU E 299 -35.45 -37.07 -8.77
N ALA E 300 -35.57 -38.00 -7.81
CA ALA E 300 -35.00 -37.78 -6.49
C ALA E 300 -33.48 -37.60 -6.57
N ILE E 301 -32.79 -38.53 -7.21
CA ILE E 301 -31.33 -38.45 -7.24
C ILE E 301 -30.87 -37.24 -8.03
N MET E 302 -31.59 -36.87 -9.09
CA MET E 302 -31.21 -35.69 -9.86
C MET E 302 -31.36 -34.42 -9.05
N TRP E 303 -32.46 -34.28 -8.30
CA TRP E 303 -32.61 -33.12 -7.44
C TRP E 303 -31.49 -33.07 -6.40
N LEU E 304 -31.20 -34.21 -5.77
CA LEU E 304 -30.15 -34.23 -4.75
C LEU E 304 -28.82 -33.80 -5.35
N ALA E 305 -28.47 -34.32 -6.53
CA ALA E 305 -27.20 -33.98 -7.16
C ALA E 305 -27.14 -32.51 -7.54
N MET E 306 -28.19 -32.00 -8.19
CA MET E 306 -28.16 -30.63 -8.71
C MET E 306 -28.33 -29.58 -7.63
N SER E 307 -28.77 -29.95 -6.42
CA SER E 307 -28.92 -28.95 -5.38
C SER E 307 -27.58 -28.36 -4.96
N SER E 308 -26.48 -29.01 -5.29
CA SER E 308 -25.17 -28.61 -4.77
C SER E 308 -24.71 -27.26 -5.30
N THR E 309 -25.37 -26.72 -6.32
CA THR E 309 -24.93 -25.44 -6.89
C THR E 309 -25.36 -24.25 -6.06
N MET E 310 -25.90 -24.47 -4.86
CA MET E 310 -26.48 -23.38 -4.09
C MET E 310 -25.57 -22.90 -2.97
N TYR E 311 -24.55 -23.68 -2.61
CA TYR E 311 -23.92 -23.51 -1.31
C TYR E 311 -22.73 -22.55 -1.32
N ASN E 312 -22.04 -22.42 -2.45
CA ASN E 312 -20.87 -21.53 -2.48
C ASN E 312 -21.24 -20.07 -2.26
N PRO E 313 -22.26 -19.52 -2.93
CA PRO E 313 -22.64 -18.13 -2.65
C PRO E 313 -23.01 -17.89 -1.21
N ILE E 314 -23.64 -18.87 -0.56
CA ILE E 314 -24.02 -18.71 0.84
C ILE E 314 -22.79 -18.79 1.74
N ILE E 315 -21.85 -19.68 1.42
CA ILE E 315 -20.63 -19.79 2.23
C ILE E 315 -19.83 -18.50 2.16
N TYR E 316 -19.67 -17.95 0.95
CA TYR E 316 -18.93 -16.71 0.82
C TYR E 316 -19.60 -15.59 1.61
N CYS E 317 -20.94 -15.51 1.54
CA CYS E 317 -21.65 -14.47 2.27
C CYS E 317 -21.49 -14.64 3.77
N CYS E 318 -21.59 -15.87 4.28
CA CYS E 318 -21.49 -16.08 5.71
C CYS E 318 -20.07 -15.92 6.22
N LEU E 319 -19.07 -16.00 5.34
CA LEU E 319 -17.69 -15.86 5.78
C LEU E 319 -17.17 -14.43 5.67
N ASN E 320 -17.37 -13.76 4.54
CA ASN E 320 -16.65 -12.53 4.24
C ASN E 320 -17.59 -11.33 4.25
N ASP E 321 -17.25 -10.32 5.06
CA ASP E 321 -18.02 -9.09 5.09
C ASP E 321 -17.96 -8.34 3.78
N ARG E 322 -16.87 -8.48 3.02
CA ARG E 322 -16.82 -7.85 1.70
C ARG E 322 -17.90 -8.41 0.78
N PHE E 323 -18.04 -9.74 0.76
CA PHE E 323 -19.12 -10.35 -0.02
C PHE E 323 -20.48 -9.97 0.51
N ARG E 324 -20.63 -9.90 1.84
CA ARG E 324 -21.91 -9.45 2.40
C ARG E 324 -22.26 -8.05 1.91
N LEU E 325 -21.31 -7.12 1.97
CA LEU E 325 -21.56 -5.76 1.50
C LEU E 325 -21.86 -5.74 0.02
N GLY E 326 -21.17 -6.55 -0.77
CA GLY E 326 -21.44 -6.64 -2.19
C GLY E 326 -22.87 -7.07 -2.46
N PHE E 327 -23.32 -8.11 -1.75
CA PHE E 327 -24.71 -8.55 -1.90
C PHE E 327 -25.68 -7.45 -1.49
N LYS E 328 -25.41 -6.79 -0.36
CA LYS E 328 -26.31 -5.74 0.12
C LYS E 328 -26.39 -4.58 -0.85
N HIS E 329 -25.29 -4.25 -1.53
CA HIS E 329 -25.31 -3.21 -2.55
C HIS E 329 -25.98 -3.66 -3.83
N ALA E 330 -25.81 -4.93 -4.21
CA ALA E 330 -26.45 -5.45 -5.41
C ALA E 330 -27.96 -5.43 -5.26
N PHE E 331 -28.46 -5.97 -4.15
CA PHE E 331 -29.91 -6.02 -3.92
C PHE E 331 -30.46 -4.63 -3.63
N ARG F 1 -36.55 -48.36 -30.39
CA ARG F 1 -35.81 -49.62 -30.71
C ARG F 1 -35.63 -50.50 -29.48
N PRO F 2 -35.07 -49.94 -28.40
CA PRO F 2 -34.85 -50.76 -27.20
C PRO F 2 -36.13 -51.41 -26.69
N LYS F 3 -37.15 -50.63 -26.38
CA LYS F 3 -38.44 -51.15 -25.96
C LYS F 3 -39.39 -49.97 -25.78
N PRO F 4 -40.70 -50.23 -25.75
CA PRO F 4 -41.65 -49.14 -25.50
C PRO F 4 -41.68 -48.69 -24.06
N GLN F 5 -41.27 -49.54 -23.11
CA GLN F 5 -41.43 -49.25 -21.70
C GLN F 5 -40.19 -48.63 -21.07
N GLN F 6 -39.08 -48.53 -21.79
CA GLN F 6 -37.85 -48.02 -21.19
C GLN F 6 -38.00 -46.55 -20.84
N PHE F 7 -37.18 -46.09 -19.89
CA PHE F 7 -37.33 -44.74 -19.38
C PHE F 7 -36.37 -43.75 -20.03
N PHE F 8 -35.14 -44.17 -20.33
CA PHE F 8 -34.16 -43.28 -20.95
C PHE F 8 -33.88 -42.05 -20.12
N GLY F 9 -33.27 -42.21 -18.95
CA GLY F 9 -32.77 -41.10 -18.18
C GLY F 9 -31.44 -40.60 -18.72
N LEU F 10 -31.21 -39.29 -18.57
CA LEU F 10 -30.02 -38.64 -19.11
C LEU F 10 -29.30 -37.87 -18.02
N MET F 11 -28.00 -37.65 -18.23
CA MET F 11 -27.21 -36.85 -17.31
C MET F 11 -27.58 -35.37 -17.43
#